data_7UVS
#
_entry.id   7UVS
#
_cell.length_a   92.360
_cell.length_b   132.470
_cell.length_c   125.070
_cell.angle_alpha   90.000
_cell.angle_beta   102.348
_cell.angle_gamma   90.000
#
_symmetry.space_group_name_H-M   'C 1 2 1'
#
loop_
_entity.id
_entity.type
_entity.pdbx_description
1 polymer 'LMIV230-02 Fab heavy chain'
2 polymer 'LMIV230-02 Fab light chain'
3 polymer 'Gametocyte surface protein P230'
4 non-polymer 'SODIUM ION'
5 water water
#
loop_
_entity_poly.entity_id
_entity_poly.type
_entity_poly.pdbx_seq_one_letter_code
_entity_poly.pdbx_strand_id
1 'polypeptide(L)'
;QVQLVQSGAEVKKPGSSVKVSCKASGGTFNSYGISWVRQAPGQGLEWVGGIIPSFGTADYAQKFQGRVTFTTDTSTSTAY
MEVSSLRSEDTAVYYCAGSSWSSGTYYGRSAYWGQGTLVTVSSASTKGPSVFPLAPSSKSTSGGTAALGCLVKDYFPEPV
TVSWNSGALTSGVHTFPAVLQSSGLYSLSSVVTVPSSSLGTQTYICNVNHKPSNTKVDKKVEPKSC
;
A,D
2 'polypeptide(L)'
;EIVMTQSPASLALSLGERATINCKSSQSVLYSSNNKNYLAWYQQKPGQPPKLLIYWASTRESGVPDRFSGSGSGTDFTLT
ISSLQAGDVAVYHCQQYYSTPYSFGQGTKLEIKRRTVAAPSVFIFPPSDEQLKSGTASVVCLLNNFYPREAKVQWKVDNA
LQSGNSQESVTEQDSKDSTYSLSSTLTLSKADYEKHKVYACEVTHQGLSSPVTKSFNRGEC
;
B,E
3 'polypeptide(L)'
;VGVDELDKIDLSYETTESGDTAVSEDSYDKYASQNTNKEYVCDFTDQLKPTESGPKVKKCEVKVNEPLIKVKIICPLKGS
VEKLYDNIEYVPKKSPYVVLTKEETKLKEKLLSKLIYGLLISPTVNEKENNFKEGVIEFTLPPVVHKATVFYFICDNSKT
EDDNKKGNRGIVEVYVEPYGGSLKENLYFQGWSHPQFEK
;
C,F
#
loop_
_chem_comp.id
_chem_comp.type
_chem_comp.name
_chem_comp.formula
NA non-polymer 'SODIUM ION' 'Na 1'
#
# COMPACT_ATOMS: atom_id res chain seq x y z
N GLN A 1 12.98 -30.08 11.36
CA GLN A 1 13.45 -29.73 10.02
C GLN A 1 12.33 -29.77 9.00
N VAL A 2 11.19 -29.16 9.31
CA VAL A 2 10.12 -29.00 8.32
C VAL A 2 10.55 -27.99 7.29
N GLN A 3 10.32 -28.29 6.00
CA GLN A 3 10.80 -27.49 4.89
C GLN A 3 9.70 -27.40 3.84
N LEU A 4 9.45 -26.19 3.33
CA LEU A 4 8.53 -25.98 2.22
C LEU A 4 9.36 -25.64 0.97
N VAL A 5 9.18 -26.41 -0.10
CA VAL A 5 9.91 -26.22 -1.36
C VAL A 5 8.91 -25.95 -2.47
N GLN A 6 9.08 -24.82 -3.15
CA GLN A 6 8.12 -24.36 -4.16
C GLN A 6 8.62 -24.63 -5.57
N SER A 7 7.68 -24.58 -6.51
CA SER A 7 8.02 -24.77 -7.91
C SER A 7 8.74 -23.55 -8.47
N GLY A 8 9.39 -23.73 -9.63
CA GLY A 8 10.26 -22.70 -10.17
C GLY A 8 9.51 -21.52 -10.79
N ALA A 9 10.27 -20.43 -11.00
CA ALA A 9 9.74 -19.23 -11.61
C ALA A 9 9.34 -19.50 -13.05
N GLU A 10 8.34 -18.75 -13.53
CA GLU A 10 7.89 -18.89 -14.91
C GLU A 10 7.32 -17.58 -15.41
N VAL A 11 7.43 -17.36 -16.70
CA VAL A 11 6.68 -16.28 -17.34
C VAL A 11 5.41 -16.89 -17.91
N LYS A 12 4.29 -16.19 -17.75
CA LYS A 12 2.99 -16.64 -18.22
C LYS A 12 2.37 -15.53 -19.04
N LYS A 13 1.64 -15.91 -20.10
CA LYS A 13 1.00 -14.91 -20.95
C LYS A 13 -0.11 -14.20 -20.19
N PRO A 14 -0.36 -12.92 -20.50
CA PRO A 14 -1.53 -12.24 -19.95
C PRO A 14 -2.81 -12.99 -20.32
N GLY A 15 -3.70 -13.15 -19.34
CA GLY A 15 -4.90 -13.93 -19.54
C GLY A 15 -4.77 -15.42 -19.28
N SER A 16 -3.56 -15.96 -19.15
CA SER A 16 -3.40 -17.39 -18.96
C SER A 16 -3.51 -17.74 -17.47
N SER A 17 -3.21 -19.00 -17.13
CA SER A 17 -3.30 -19.54 -15.78
C SER A 17 -1.95 -20.10 -15.36
N VAL A 18 -1.65 -19.98 -14.07
CA VAL A 18 -0.43 -20.54 -13.51
C VAL A 18 -0.82 -21.42 -12.33
N LYS A 19 -0.10 -22.52 -12.14
CA LYS A 19 -0.27 -23.38 -10.97
C LYS A 19 1.07 -23.47 -10.26
N VAL A 20 1.12 -23.00 -9.02
CA VAL A 20 2.34 -23.01 -8.22
C VAL A 20 2.19 -24.11 -7.18
N SER A 21 3.21 -24.96 -7.07
CA SER A 21 3.21 -26.03 -6.09
C SER A 21 4.05 -25.67 -4.88
N CYS A 22 3.73 -26.32 -3.76
CA CYS A 22 4.48 -26.13 -2.52
C CYS A 22 4.47 -27.46 -1.77
N LYS A 23 5.62 -28.12 -1.69
CA LYS A 23 5.70 -29.45 -1.09
C LYS A 23 6.39 -29.37 0.26
N ALA A 24 5.77 -29.97 1.26
CA ALA A 24 6.32 -30.03 2.61
C ALA A 24 7.18 -31.26 2.79
N SER A 25 8.35 -31.05 3.35
CA SER A 25 9.29 -32.09 3.76
C SER A 25 9.40 -32.02 5.27
N GLY A 26 9.75 -33.13 5.90
CA GLY A 26 9.64 -33.24 7.34
C GLY A 26 8.27 -33.70 7.80
N GLY A 27 7.46 -34.25 6.89
CA GLY A 27 6.18 -34.84 7.16
C GLY A 27 5.06 -34.19 6.39
N THR A 28 3.84 -34.58 6.73
CA THR A 28 2.63 -34.09 6.09
C THR A 28 2.23 -32.72 6.64
N PHE A 29 1.40 -32.03 5.89
CA PHE A 29 0.85 -30.74 6.31
C PHE A 29 -0.58 -30.87 6.84
N ASN A 30 -1.00 -32.10 7.16
CA ASN A 30 -2.35 -32.40 7.59
C ASN A 30 -2.75 -31.81 8.94
N SER A 31 -1.84 -31.18 9.67
CA SER A 31 -2.24 -30.45 10.87
C SER A 31 -1.84 -28.98 10.76
N TYR A 32 -1.59 -28.51 9.55
CA TYR A 32 -1.04 -27.19 9.32
C TYR A 32 -2.08 -26.36 8.59
N GLY A 33 -2.05 -25.02 8.87
CA GLY A 33 -2.74 -24.08 8.04
C GLY A 33 -1.75 -23.55 7.02
N ILE A 34 -2.15 -23.60 5.75
CA ILE A 34 -1.29 -23.16 4.66
C ILE A 34 -1.78 -21.79 4.22
N SER A 35 -0.88 -20.83 4.11
CA SER A 35 -1.22 -19.51 3.58
C SER A 35 -0.47 -19.30 2.27
N TRP A 36 -1.07 -18.51 1.39
CA TRP A 36 -0.39 -18.04 0.19
C TRP A 36 -0.31 -16.52 0.26
N VAL A 37 0.90 -15.98 0.13
CA VAL A 37 1.20 -14.57 0.36
C VAL A 37 2.07 -14.10 -0.80
N ARG A 38 1.71 -12.98 -1.42
CA ARG A 38 2.47 -12.50 -2.55
C ARG A 38 3.15 -11.16 -2.23
N GLN A 39 4.22 -10.87 -2.98
CA GLN A 39 4.97 -9.63 -2.80
C GLN A 39 5.33 -9.11 -4.20
N ALA A 40 4.60 -8.08 -4.62
CA ALA A 40 4.86 -7.42 -5.88
C ALA A 40 6.15 -6.61 -5.79
N PRO A 41 6.79 -6.32 -6.93
CA PRO A 41 8.07 -5.57 -6.93
C PRO A 41 7.96 -4.23 -6.23
N GLY A 42 8.76 -4.06 -5.18
CA GLY A 42 8.76 -2.83 -4.41
C GLY A 42 7.65 -2.68 -3.39
N GLN A 43 6.83 -3.71 -3.17
CA GLN A 43 5.65 -3.57 -2.34
C GLN A 43 5.73 -4.42 -1.07
N GLY A 44 4.75 -4.21 -0.20
CA GLY A 44 4.62 -4.99 1.01
C GLY A 44 4.02 -6.34 0.73
N LEU A 45 3.80 -7.10 1.80
CA LEU A 45 3.25 -8.45 1.69
C LEU A 45 1.73 -8.37 1.56
N GLU A 46 1.16 -9.27 0.76
CA GLU A 46 -0.27 -9.23 0.50
C GLU A 46 -0.83 -10.64 0.62
N TRP A 47 -1.78 -10.83 1.51
CA TRP A 47 -2.38 -12.15 1.72
C TRP A 47 -3.25 -12.50 0.51
N VAL A 48 -2.96 -13.62 -0.14
CA VAL A 48 -3.81 -14.09 -1.22
C VAL A 48 -4.96 -14.95 -0.70
N GLY A 49 -4.63 -15.90 0.18
CA GLY A 49 -5.64 -16.75 0.74
C GLY A 49 -4.98 -17.87 1.52
N GLY A 50 -5.83 -18.81 1.96
CA GLY A 50 -5.35 -19.90 2.79
C GLY A 50 -6.23 -21.12 2.65
N ILE A 51 -5.67 -22.27 3.01
CA ILE A 51 -6.40 -23.53 3.03
C ILE A 51 -5.85 -24.35 4.18
N ILE A 52 -6.76 -25.00 4.90
CA ILE A 52 -6.41 -26.03 5.88
C ILE A 52 -6.63 -27.37 5.21
N PRO A 53 -5.58 -28.13 4.88
CA PRO A 53 -5.75 -29.34 4.06
C PRO A 53 -6.60 -30.41 4.72
N SER A 54 -6.58 -30.50 6.06
CA SER A 54 -7.46 -31.41 6.79
C SER A 54 -8.92 -31.07 6.52
N PHE A 55 -9.26 -29.79 6.53
CA PHE A 55 -10.65 -29.36 6.49
C PHE A 55 -11.20 -29.25 5.08
N GLY A 56 -10.33 -29.15 4.08
CA GLY A 56 -10.80 -28.94 2.72
C GLY A 56 -11.41 -27.58 2.47
N THR A 57 -11.26 -26.64 3.40
CA THR A 57 -11.92 -25.34 3.30
C THR A 57 -10.86 -24.30 2.96
N ALA A 58 -11.25 -23.29 2.16
CA ALA A 58 -10.32 -22.28 1.70
C ALA A 58 -10.94 -20.90 1.83
N ASP A 59 -10.08 -19.92 2.12
CA ASP A 59 -10.45 -18.51 2.19
C ASP A 59 -9.60 -17.75 1.19
N TYR A 60 -10.14 -16.66 0.66
CA TYR A 60 -9.52 -15.92 -0.41
C TYR A 60 -9.73 -14.44 -0.13
N ALA A 61 -8.74 -13.64 -0.52
CA ALA A 61 -8.94 -12.20 -0.49
C ALA A 61 -9.91 -11.80 -1.60
N GLN A 62 -10.80 -10.80 -1.28
CA GLN A 62 -11.78 -10.29 -2.24
C GLN A 62 -11.19 -9.98 -3.64
N LYS A 63 -9.95 -9.41 -3.66
CA LYS A 63 -9.27 -9.11 -4.93
C LYS A 63 -9.13 -10.34 -5.84
N PHE A 64 -9.13 -11.55 -5.27
CA PHE A 64 -8.87 -12.75 -6.05
C PHE A 64 -10.10 -13.61 -6.28
N GLN A 65 -11.28 -13.02 -6.14
CA GLN A 65 -12.52 -13.79 -6.23
C GLN A 65 -12.72 -14.30 -7.65
N GLY A 66 -13.04 -15.59 -7.75
CA GLY A 66 -13.25 -16.24 -9.03
C GLY A 66 -12.00 -16.51 -9.83
N ARG A 67 -10.81 -16.16 -9.32
CA ARG A 67 -9.56 -16.31 -10.05
C ARG A 67 -8.57 -17.25 -9.41
N VAL A 68 -8.70 -17.53 -8.11
CA VAL A 68 -7.71 -18.32 -7.39
C VAL A 68 -8.36 -19.58 -6.86
N THR A 69 -7.67 -20.72 -7.03
CA THR A 69 -8.10 -22.00 -6.49
C THR A 69 -6.95 -22.63 -5.72
N PHE A 70 -7.19 -22.95 -4.44
CA PHE A 70 -6.25 -23.70 -3.61
C PHE A 70 -6.66 -25.16 -3.58
N THR A 71 -5.72 -26.06 -3.83
CA THR A 71 -5.93 -27.49 -3.68
C THR A 71 -4.75 -28.09 -2.94
N THR A 72 -4.92 -29.33 -2.49
CA THR A 72 -3.84 -30.09 -1.85
C THR A 72 -3.87 -31.51 -2.40
N ASP A 73 -2.70 -32.11 -2.47
CA ASP A 73 -2.57 -33.54 -2.69
C ASP A 73 -1.96 -34.10 -1.41
N THR A 74 -2.80 -34.71 -0.59
CA THR A 74 -2.33 -35.20 0.71
C THR A 74 -1.41 -36.40 0.56
N SER A 75 -1.57 -37.18 -0.52
CA SER A 75 -0.67 -38.29 -0.81
C SER A 75 0.78 -37.85 -0.91
N THR A 76 1.02 -36.75 -1.64
CA THR A 76 2.35 -36.22 -1.88
C THR A 76 2.67 -35.01 -0.99
N SER A 77 1.75 -34.65 -0.08
CA SER A 77 1.89 -33.52 0.84
C SER A 77 2.27 -32.22 0.13
N THR A 78 1.58 -31.94 -0.96
CA THR A 78 1.87 -30.79 -1.80
C THR A 78 0.62 -29.92 -1.84
N ALA A 79 0.80 -28.63 -1.64
CA ALA A 79 -0.28 -27.66 -1.79
C ALA A 79 -0.13 -26.95 -3.13
N TYR A 80 -1.26 -26.61 -3.74
CA TYR A 80 -1.25 -25.92 -5.03
C TYR A 80 -2.06 -24.64 -4.94
N MET A 81 -1.61 -23.64 -5.69
CA MET A 81 -2.35 -22.40 -5.90
C MET A 81 -2.45 -22.18 -7.41
N GLU A 82 -3.66 -22.11 -7.92
CA GLU A 82 -3.87 -21.81 -9.33
C GLU A 82 -4.49 -20.43 -9.48
N VAL A 83 -3.84 -19.56 -10.24
CA VAL A 83 -4.34 -18.23 -10.52
C VAL A 83 -4.66 -18.12 -12.01
N SER A 84 -5.91 -17.83 -12.33
CA SER A 84 -6.33 -17.73 -13.71
C SER A 84 -6.53 -16.27 -14.11
N SER A 85 -6.75 -16.06 -15.41
CA SER A 85 -6.95 -14.75 -16.04
C SER A 85 -5.89 -13.73 -15.61
N LEU A 86 -4.62 -14.09 -15.79
CA LEU A 86 -3.51 -13.36 -15.19
C LEU A 86 -3.40 -11.95 -15.75
N ARG A 87 -3.13 -10.99 -14.86
CA ARG A 87 -3.04 -9.57 -15.18
C ARG A 87 -1.59 -9.16 -14.96
N SER A 88 -1.19 -8.03 -15.56
CA SER A 88 0.17 -7.50 -15.37
C SER A 88 0.48 -7.28 -13.90
N GLU A 89 -0.53 -6.81 -13.16
CA GLU A 89 -0.44 -6.57 -11.73
C GLU A 89 -0.22 -7.83 -10.93
N ASP A 90 -0.45 -9.04 -11.50
CA ASP A 90 -0.20 -10.27 -10.76
C ASP A 90 1.25 -10.68 -10.74
N THR A 91 2.13 -9.95 -11.44
CA THR A 91 3.57 -10.20 -11.37
C THR A 91 4.09 -9.98 -9.95
N ALA A 92 4.55 -11.05 -9.31
CA ALA A 92 4.94 -11.01 -7.91
C ALA A 92 5.66 -12.31 -7.58
N VAL A 93 6.40 -12.26 -6.48
CA VAL A 93 6.87 -13.46 -5.80
C VAL A 93 5.71 -13.99 -4.97
N TYR A 94 5.34 -15.25 -5.20
CA TYR A 94 4.27 -15.90 -4.45
C TYR A 94 4.91 -16.86 -3.46
N TYR A 95 4.62 -16.68 -2.16
CA TYR A 95 5.09 -17.57 -1.10
C TYR A 95 3.96 -18.46 -0.60
N CYS A 96 4.28 -19.73 -0.34
CA CYS A 96 3.46 -20.53 0.56
C CYS A 96 4.06 -20.50 1.96
N ALA A 97 3.21 -20.50 2.98
CA ALA A 97 3.68 -20.59 4.35
C ALA A 97 2.81 -21.58 5.12
N GLY A 98 3.40 -22.22 6.12
CA GLY A 98 2.67 -23.13 6.98
C GLY A 98 2.71 -22.72 8.44
N SER A 99 1.62 -22.96 9.14
CA SER A 99 1.51 -22.69 10.58
C SER A 99 0.98 -23.93 11.29
N SER A 100 1.58 -24.28 12.41
CA SER A 100 1.03 -25.37 13.20
C SER A 100 -0.21 -24.90 13.98
N TRP A 101 -1.01 -25.86 14.43
CA TRP A 101 -2.22 -25.56 15.18
C TRP A 101 -1.95 -25.27 16.65
N SER A 102 -2.67 -24.29 17.18
CA SER A 102 -2.66 -23.96 18.60
C SER A 102 -3.89 -23.12 18.92
N SER A 103 -4.48 -23.34 20.10
CA SER A 103 -5.47 -22.42 20.67
C SER A 103 -6.68 -22.19 19.75
N GLY A 104 -7.07 -23.20 18.98
CA GLY A 104 -8.24 -23.07 18.14
C GLY A 104 -8.01 -22.44 16.77
N THR A 105 -6.77 -22.14 16.39
CA THR A 105 -6.52 -21.60 15.07
C THR A 105 -5.35 -22.33 14.39
N TYR A 106 -5.44 -22.43 13.07
CA TYR A 106 -4.37 -23.02 12.25
C TYR A 106 -3.40 -21.99 11.74
N TYR A 107 -3.51 -20.75 12.20
CA TYR A 107 -2.76 -19.65 11.59
C TYR A 107 -2.05 -18.79 12.63
N GLY A 108 -1.85 -19.30 13.84
CA GLY A 108 -1.19 -18.49 14.86
C GLY A 108 0.32 -18.43 14.78
N ARG A 109 0.96 -19.29 13.96
CA ARG A 109 2.39 -19.42 14.06
C ARG A 109 2.97 -19.81 12.69
N SER A 110 2.88 -18.90 11.73
CA SER A 110 3.35 -19.18 10.37
C SER A 110 4.86 -19.04 10.32
N ALA A 111 5.54 -20.10 10.78
CA ALA A 111 7.00 -20.08 10.90
C ALA A 111 7.70 -20.74 9.72
N TYR A 112 6.99 -21.52 8.92
CA TYR A 112 7.60 -22.28 7.84
C TYR A 112 7.27 -21.61 6.52
N TRP A 113 8.28 -21.14 5.80
CA TRP A 113 8.05 -20.41 4.56
C TRP A 113 8.75 -21.11 3.41
N GLY A 114 8.04 -21.23 2.29
CA GLY A 114 8.70 -21.63 1.05
C GLY A 114 9.64 -20.54 0.57
N GLN A 115 10.51 -20.91 -0.37
CA GLN A 115 11.49 -19.96 -0.86
C GLN A 115 10.89 -18.91 -1.80
N GLY A 116 9.65 -19.07 -2.24
CA GLY A 116 9.04 -18.11 -3.13
C GLY A 116 9.14 -18.52 -4.58
N THR A 117 8.11 -18.16 -5.36
CA THR A 117 8.03 -18.44 -6.80
C THR A 117 7.69 -17.14 -7.51
N LEU A 118 8.60 -16.66 -8.37
CA LEU A 118 8.35 -15.43 -9.11
C LEU A 118 7.53 -15.73 -10.37
N VAL A 119 6.31 -15.23 -10.41
CA VAL A 119 5.47 -15.38 -11.59
C VAL A 119 5.50 -14.06 -12.34
N THR A 120 6.00 -14.08 -13.57
CA THR A 120 6.08 -12.89 -14.41
C THR A 120 4.98 -12.96 -15.46
N VAL A 121 4.11 -11.96 -15.50
CA VAL A 121 3.02 -11.95 -16.46
C VAL A 121 3.44 -11.06 -17.62
N SER A 122 3.70 -11.65 -18.78
CA SER A 122 4.28 -10.93 -19.89
C SER A 122 4.13 -11.77 -21.14
N SER A 123 4.01 -11.10 -22.27
CA SER A 123 4.02 -11.77 -23.56
C SER A 123 5.42 -12.10 -24.05
N ALA A 124 6.46 -11.56 -23.44
CA ALA A 124 7.81 -11.78 -23.94
C ALA A 124 8.25 -13.20 -23.64
N SER A 125 9.05 -13.76 -24.53
CA SER A 125 9.43 -15.16 -24.45
C SER A 125 10.59 -15.37 -23.48
N THR A 126 10.67 -16.61 -22.97
CA THR A 126 11.76 -17.00 -22.11
C THR A 126 13.06 -16.94 -22.89
N LYS A 127 14.10 -16.38 -22.27
CA LYS A 127 15.42 -16.33 -22.90
C LYS A 127 16.48 -16.63 -21.83
N GLY A 128 17.35 -17.60 -22.11
CA GLY A 128 18.42 -17.91 -21.21
C GLY A 128 19.59 -16.95 -21.34
N PRO A 129 20.37 -16.80 -20.28
CA PRO A 129 21.45 -15.81 -20.28
C PRO A 129 22.73 -16.34 -20.92
N SER A 130 23.60 -15.40 -21.29
CA SER A 130 24.98 -15.75 -21.56
C SER A 130 25.82 -15.32 -20.37
N VAL A 131 26.87 -16.08 -20.08
CA VAL A 131 27.72 -15.81 -18.92
C VAL A 131 29.10 -15.42 -19.43
N PHE A 132 29.58 -14.25 -19.00
CA PHE A 132 30.88 -13.76 -19.42
C PHE A 132 31.77 -13.47 -18.21
N PRO A 133 33.07 -13.74 -18.30
CA PRO A 133 33.95 -13.49 -17.16
C PRO A 133 34.29 -12.02 -17.00
N LEU A 134 34.43 -11.63 -15.74
CA LEU A 134 35.04 -10.36 -15.35
C LEU A 134 36.40 -10.76 -14.79
N ALA A 135 37.41 -10.72 -15.64
CA ALA A 135 38.69 -11.31 -15.27
C ALA A 135 39.44 -10.38 -14.32
N PRO A 136 40.10 -10.93 -13.31
CA PRO A 136 40.98 -10.10 -12.48
C PRO A 136 42.22 -9.68 -13.25
N SER A 137 42.75 -8.50 -12.90
CA SER A 137 43.95 -7.95 -13.53
C SER A 137 44.56 -6.93 -12.60
N SER A 138 45.53 -6.15 -13.10
CA SER A 138 46.09 -5.05 -12.33
C SER A 138 45.09 -3.89 -12.20
N LYS A 139 44.18 -3.71 -13.18
CA LYS A 139 43.16 -2.66 -13.09
C LYS A 139 41.98 -3.07 -12.23
N SER A 140 42.03 -4.30 -11.69
CA SER A 140 41.05 -4.81 -10.74
C SER A 140 41.76 -5.34 -9.48
N THR A 141 42.92 -4.76 -9.14
CA THR A 141 43.73 -5.12 -7.97
C THR A 141 43.87 -3.91 -7.06
N SER A 142 43.59 -4.08 -5.77
CA SER A 142 43.80 -3.04 -4.77
C SER A 142 44.53 -3.62 -3.57
N GLY A 143 45.71 -3.08 -3.28
CA GLY A 143 46.57 -3.66 -2.25
C GLY A 143 46.94 -5.09 -2.60
N GLY A 144 46.68 -6.00 -1.67
CA GLY A 144 46.86 -7.41 -1.94
C GLY A 144 45.55 -8.10 -2.26
N THR A 145 44.54 -7.33 -2.66
CA THR A 145 43.19 -7.82 -2.94
C THR A 145 42.84 -7.59 -4.41
N ALA A 146 42.30 -8.62 -5.07
CA ALA A 146 41.80 -8.50 -6.43
C ALA A 146 40.31 -8.75 -6.48
N ALA A 147 39.65 -8.19 -7.49
CA ALA A 147 38.24 -8.45 -7.71
C ALA A 147 38.08 -9.21 -9.04
N LEU A 148 37.10 -10.07 -9.07
CA LEU A 148 36.77 -10.82 -10.28
C LEU A 148 35.28 -11.09 -10.23
N GLY A 149 34.72 -11.57 -11.34
CA GLY A 149 33.30 -11.84 -11.31
C GLY A 149 32.79 -12.49 -12.59
N CYS A 150 31.46 -12.53 -12.69
CA CYS A 150 30.75 -13.06 -13.84
C CYS A 150 29.65 -12.09 -14.23
N LEU A 151 29.54 -11.80 -15.52
CA LEU A 151 28.45 -10.99 -16.05
C LEU A 151 27.42 -11.92 -16.66
N VAL A 152 26.18 -11.86 -16.16
CA VAL A 152 25.08 -12.72 -16.58
C VAL A 152 24.17 -11.85 -17.43
N LYS A 153 24.23 -12.02 -18.74
CA LYS A 153 23.66 -11.05 -19.67
C LYS A 153 22.43 -11.60 -20.42
N ASP A 154 21.41 -10.74 -20.52
CA ASP A 154 20.30 -10.85 -21.47
C ASP A 154 19.43 -12.07 -21.24
N TYR A 155 18.73 -12.12 -20.10
CA TYR A 155 17.82 -13.22 -19.82
C TYR A 155 16.44 -12.68 -19.53
N PHE A 156 15.44 -13.58 -19.57
CA PHE A 156 14.05 -13.29 -19.26
C PHE A 156 13.33 -14.60 -18.98
N PRO A 157 12.44 -14.65 -17.97
CA PRO A 157 12.23 -13.60 -16.97
C PRO A 157 13.25 -13.72 -15.85
N GLU A 158 13.08 -12.92 -14.80
CA GLU A 158 13.81 -13.11 -13.57
C GLU A 158 13.33 -14.40 -12.87
N PRO A 159 14.14 -14.99 -11.96
CA PRO A 159 15.49 -14.64 -11.52
C PRO A 159 16.61 -15.53 -12.08
N VAL A 160 17.85 -15.07 -11.99
CA VAL A 160 18.97 -16.01 -12.00
C VAL A 160 19.54 -16.07 -10.59
N THR A 161 20.11 -17.21 -10.23
CA THR A 161 20.87 -17.35 -9.00
C THR A 161 22.33 -17.65 -9.35
N VAL A 162 23.24 -17.15 -8.51
CA VAL A 162 24.69 -17.30 -8.70
C VAL A 162 25.32 -17.79 -7.40
N SER A 163 26.16 -18.81 -7.48
CA SER A 163 27.05 -19.16 -6.39
C SER A 163 28.48 -19.16 -6.91
N TRP A 164 29.42 -19.21 -5.98
CA TRP A 164 30.83 -19.31 -6.32
C TRP A 164 31.40 -20.59 -5.74
N ASN A 165 32.06 -21.37 -6.60
CA ASN A 165 32.74 -22.62 -6.23
C ASN A 165 31.79 -23.59 -5.55
N SER A 166 30.58 -23.70 -6.12
CA SER A 166 29.49 -24.54 -5.63
C SER A 166 29.13 -24.21 -4.17
N GLY A 167 29.19 -22.93 -3.82
CA GLY A 167 28.86 -22.49 -2.48
C GLY A 167 29.99 -22.50 -1.48
N ALA A 168 31.18 -23.02 -1.83
CA ALA A 168 32.29 -22.99 -0.88
C ALA A 168 32.88 -21.61 -0.73
N LEU A 169 32.61 -20.68 -1.63
CA LEU A 169 33.09 -19.31 -1.52
C LEU A 169 31.89 -18.40 -1.30
N THR A 170 31.83 -17.78 -0.12
CA THR A 170 30.73 -16.88 0.25
C THR A 170 31.23 -15.52 0.72
N SER A 171 32.40 -15.51 1.35
CA SER A 171 32.96 -14.29 1.91
C SER A 171 33.40 -13.35 0.81
N GLY A 172 32.90 -12.11 0.84
CA GLY A 172 33.30 -11.12 -0.12
C GLY A 172 32.51 -11.13 -1.42
N VAL A 173 31.48 -11.97 -1.53
CA VAL A 173 30.65 -12.04 -2.73
C VAL A 173 29.59 -10.94 -2.68
N HIS A 174 29.43 -10.24 -3.81
CA HIS A 174 28.29 -9.35 -4.02
C HIS A 174 27.60 -9.77 -5.32
N THR A 175 26.39 -10.28 -5.22
CA THR A 175 25.58 -10.54 -6.40
C THR A 175 24.53 -9.44 -6.48
N PHE A 176 24.63 -8.61 -7.51
CA PHE A 176 23.87 -7.39 -7.63
C PHE A 176 22.43 -7.69 -8.05
N PRO A 177 21.47 -6.88 -7.61
CA PRO A 177 20.12 -6.97 -8.15
C PRO A 177 20.13 -6.74 -9.65
N ALA A 178 19.27 -7.46 -10.35
CA ALA A 178 19.22 -7.38 -11.80
C ALA A 178 18.77 -6.00 -12.24
N VAL A 179 19.21 -5.63 -13.43
CA VAL A 179 18.81 -4.39 -14.06
C VAL A 179 18.00 -4.74 -15.31
N LEU A 180 16.86 -4.10 -15.48
CA LEU A 180 16.07 -4.24 -16.70
C LEU A 180 16.65 -3.31 -17.75
N GLN A 181 17.15 -3.87 -18.85
CA GLN A 181 17.79 -3.11 -19.89
C GLN A 181 16.74 -2.50 -20.82
N SER A 182 17.17 -1.58 -21.68
CA SER A 182 16.25 -0.94 -22.61
C SER A 182 15.69 -1.92 -23.63
N SER A 183 16.40 -3.04 -23.87
CA SER A 183 15.88 -4.14 -24.67
C SER A 183 14.73 -4.88 -24.00
N GLY A 184 14.52 -4.69 -22.70
CA GLY A 184 13.52 -5.50 -22.02
C GLY A 184 13.99 -6.85 -21.54
N LEU A 185 15.29 -7.13 -21.64
CA LEU A 185 15.94 -8.28 -21.04
C LEU A 185 16.68 -7.86 -19.77
N TYR A 186 16.83 -8.79 -18.83
CA TYR A 186 17.56 -8.50 -17.60
C TYR A 186 19.04 -8.83 -17.74
N SER A 187 19.85 -8.18 -16.92
CA SER A 187 21.25 -8.52 -16.76
C SER A 187 21.64 -8.33 -15.30
N LEU A 188 22.57 -9.13 -14.84
CA LEU A 188 23.18 -8.86 -13.54
C LEU A 188 24.64 -9.24 -13.60
N SER A 189 25.37 -8.88 -12.54
CA SER A 189 26.70 -9.41 -12.33
C SER A 189 26.86 -9.85 -10.87
N SER A 190 27.78 -10.79 -10.67
CA SER A 190 28.19 -11.25 -9.35
C SER A 190 29.69 -11.12 -9.25
N VAL A 191 30.19 -10.44 -8.20
CA VAL A 191 31.62 -10.19 -8.02
C VAL A 191 32.06 -10.73 -6.67
N VAL A 192 33.37 -10.91 -6.54
CA VAL A 192 33.99 -11.33 -5.28
C VAL A 192 35.40 -10.74 -5.23
N THR A 193 35.82 -10.31 -4.05
CA THR A 193 37.20 -9.88 -3.82
C THR A 193 37.99 -11.03 -3.18
N VAL A 194 39.17 -11.30 -3.74
CA VAL A 194 40.02 -12.42 -3.33
C VAL A 194 41.42 -11.89 -3.14
N PRO A 195 42.29 -12.65 -2.43
CA PRO A 195 43.71 -12.27 -2.38
C PRO A 195 44.37 -12.35 -3.75
N SER A 196 45.18 -11.33 -4.07
CA SER A 196 45.88 -11.30 -5.35
C SER A 196 46.87 -12.44 -5.49
N SER A 197 47.44 -12.91 -4.38
CA SER A 197 48.37 -14.03 -4.40
C SER A 197 47.68 -15.36 -4.66
N SER A 198 46.35 -15.42 -4.52
CA SER A 198 45.58 -16.64 -4.77
C SER A 198 45.31 -16.88 -6.25
N LEU A 199 45.64 -15.93 -7.13
CA LEU A 199 45.12 -15.96 -8.49
C LEU A 199 45.78 -17.01 -9.36
N GLY A 200 47.01 -17.40 -9.05
CA GLY A 200 47.67 -18.38 -9.89
C GLY A 200 47.40 -19.82 -9.50
N THR A 201 46.89 -20.05 -8.28
CA THR A 201 46.73 -21.39 -7.76
C THR A 201 45.31 -21.77 -7.37
N GLN A 202 44.43 -20.82 -7.11
CA GLN A 202 43.06 -21.13 -6.72
C GLN A 202 42.13 -20.89 -7.89
N THR A 203 41.26 -21.86 -8.17
CA THR A 203 40.27 -21.77 -9.23
C THR A 203 39.02 -21.08 -8.72
N TYR A 204 38.50 -20.13 -9.49
CA TYR A 204 37.25 -19.45 -9.16
C TYR A 204 36.22 -19.74 -10.23
N ILE A 205 35.09 -20.33 -9.83
CA ILE A 205 34.03 -20.73 -10.75
C ILE A 205 32.70 -20.14 -10.26
N CYS A 206 32.00 -19.39 -11.13
CA CYS A 206 30.64 -18.96 -10.84
C CYS A 206 29.65 -19.99 -11.39
N ASN A 207 28.70 -20.38 -10.57
CA ASN A 207 27.68 -21.33 -10.96
C ASN A 207 26.39 -20.54 -11.12
N VAL A 208 25.89 -20.49 -12.36
CA VAL A 208 24.78 -19.63 -12.74
C VAL A 208 23.59 -20.52 -13.06
N ASN A 209 22.45 -20.22 -12.46
CA ASN A 209 21.23 -21.00 -12.67
C ASN A 209 20.13 -20.05 -13.12
N HIS A 210 19.53 -20.34 -14.27
CA HIS A 210 18.32 -19.67 -14.76
C HIS A 210 17.30 -20.78 -14.98
N LYS A 211 16.56 -21.12 -13.93
CA LYS A 211 15.53 -22.15 -14.02
C LYS A 211 14.44 -21.97 -15.10
N PRO A 212 13.98 -20.76 -15.46
CA PRO A 212 12.96 -20.70 -16.54
C PRO A 212 13.41 -21.21 -17.90
N SER A 213 14.70 -21.15 -18.21
CA SER A 213 15.18 -21.68 -19.48
C SER A 213 15.94 -22.99 -19.29
N ASN A 214 15.97 -23.53 -18.07
CA ASN A 214 16.79 -24.69 -17.69
C ASN A 214 18.25 -24.49 -18.07
N THR A 215 18.76 -23.30 -17.78
CA THR A 215 20.14 -22.94 -18.07
C THR A 215 20.96 -23.17 -16.80
N LYS A 216 22.00 -23.97 -16.93
CA LYS A 216 22.96 -24.20 -15.85
C LYS A 216 24.35 -24.05 -16.45
N VAL A 217 25.10 -23.07 -15.96
CA VAL A 217 26.43 -22.77 -16.49
C VAL A 217 27.40 -22.68 -15.33
N ASP A 218 28.53 -23.40 -15.43
CA ASP A 218 29.68 -23.13 -14.58
C ASP A 218 30.75 -22.47 -15.43
N LYS A 219 31.24 -21.32 -14.98
CA LYS A 219 32.22 -20.55 -15.73
C LYS A 219 33.43 -20.30 -14.86
N LYS A 220 34.57 -20.86 -15.26
CA LYS A 220 35.85 -20.52 -14.63
C LYS A 220 36.28 -19.13 -15.05
N VAL A 221 36.62 -18.30 -14.08
CA VAL A 221 37.05 -16.93 -14.35
C VAL A 221 38.56 -16.92 -14.24
N GLU A 222 39.24 -16.66 -15.38
CA GLU A 222 40.66 -16.85 -15.31
C GLU A 222 41.36 -15.50 -15.26
N PRO A 223 42.51 -15.46 -14.57
CA PRO A 223 43.28 -14.22 -14.54
C PRO A 223 43.88 -13.90 -15.89
N LYS A 224 44.06 -12.61 -16.12
CA LYS A 224 44.99 -12.16 -17.14
C LYS A 224 46.39 -12.08 -16.52
N SER A 225 47.40 -12.11 -17.39
CA SER A 225 48.78 -11.84 -16.99
C SER A 225 49.05 -10.33 -17.05
N CYS A 226 48.25 -9.57 -16.32
CA CYS A 226 48.16 -8.11 -16.53
C CYS A 226 48.10 -7.31 -15.24
N GLU B 1 -12.89 -5.78 6.71
CA GLU B 1 -11.48 -6.12 6.67
C GLU B 1 -10.71 -5.24 7.65
N ILE B 2 -9.72 -5.83 8.34
CA ILE B 2 -8.88 -5.09 9.26
C ILE B 2 -7.71 -4.48 8.50
N VAL B 3 -7.55 -3.17 8.64
CA VAL B 3 -6.44 -2.43 8.03
C VAL B 3 -5.30 -2.37 9.03
N MET B 4 -4.12 -2.79 8.61
CA MET B 4 -2.91 -2.70 9.43
C MET B 4 -2.03 -1.58 8.89
N THR B 5 -1.43 -0.82 9.80
CA THR B 5 -0.57 0.28 9.41
C THR B 5 0.62 0.37 10.35
N GLN B 6 1.81 0.46 9.75
CA GLN B 6 3.06 0.61 10.48
C GLN B 6 3.59 2.03 10.37
N SER B 7 4.34 2.45 11.39
CA SER B 7 5.06 3.72 11.38
C SER B 7 6.29 3.57 12.25
N PRO B 8 7.46 4.13 11.85
CA PRO B 8 7.73 4.82 10.59
C PRO B 8 7.86 3.83 9.41
N ALA B 9 7.83 4.35 8.18
CA ALA B 9 8.08 3.52 7.01
C ALA B 9 9.54 3.10 6.91
N SER B 10 10.45 3.93 7.41
CA SER B 10 11.87 3.61 7.36
C SER B 10 12.53 4.14 8.62
N LEU B 11 13.60 3.46 9.03
CA LEU B 11 14.31 3.75 10.28
C LEU B 11 15.78 3.58 10.02
N ALA B 12 16.57 4.59 10.39
CA ALA B 12 18.02 4.54 10.25
C ALA B 12 18.63 4.91 11.60
N LEU B 13 19.22 3.93 12.28
CA LEU B 13 19.72 4.12 13.63
C LEU B 13 21.13 3.57 13.76
N SER B 14 21.85 4.05 14.77
CA SER B 14 23.21 3.62 15.01
C SER B 14 23.24 2.28 15.74
N LEU B 15 24.39 1.61 15.64
CA LEU B 15 24.62 0.37 16.37
C LEU B 15 24.49 0.58 17.87
N GLY B 16 23.82 -0.35 18.54
CA GLY B 16 23.61 -0.26 19.96
C GLY B 16 22.39 0.52 20.38
N GLU B 17 21.74 1.24 19.47
CA GLU B 17 20.55 2.00 19.80
C GLU B 17 19.32 1.08 19.84
N ARG B 18 18.20 1.65 20.26
CA ARG B 18 16.94 0.92 20.42
C ARG B 18 15.99 1.33 19.30
N ALA B 19 15.54 0.37 18.51
CA ALA B 19 14.56 0.60 17.46
C ALA B 19 13.15 0.32 17.97
N THR B 20 12.22 1.21 17.65
CA THR B 20 10.82 1.08 18.02
C THR B 20 9.97 1.14 16.75
N ILE B 21 9.20 0.09 16.49
CA ILE B 21 8.37 0.02 15.29
C ILE B 21 6.92 -0.19 15.72
N ASN B 22 6.04 0.72 15.31
CA ASN B 22 4.66 0.68 15.78
C ASN B 22 3.75 0.08 14.71
N CYS B 23 2.65 -0.51 15.15
CA CYS B 23 1.70 -1.15 14.25
C CYS B 23 0.31 -0.97 14.85
N LYS B 24 -0.61 -0.47 14.04
CA LYS B 24 -1.97 -0.23 14.49
C LYS B 24 -2.95 -0.98 13.59
N SER B 25 -3.94 -1.61 14.22
CA SER B 25 -5.03 -2.25 13.53
C SER B 25 -6.26 -1.36 13.60
N SER B 26 -7.10 -1.44 12.57
CA SER B 26 -8.26 -0.56 12.52
C SER B 26 -9.39 -1.05 13.42
N GLN B 27 -9.34 -2.31 13.85
CA GLN B 27 -10.22 -2.85 14.87
C GLN B 27 -9.36 -3.66 15.84
N SER B 28 -9.92 -3.94 17.02
CA SER B 28 -9.19 -4.71 18.00
C SER B 28 -9.00 -6.14 17.54
N VAL B 29 -7.81 -6.69 17.79
CA VAL B 29 -7.52 -8.08 17.52
C VAL B 29 -7.36 -8.90 18.80
N LEU B 30 -7.92 -8.40 19.92
CA LEU B 30 -7.89 -9.10 21.20
C LEU B 30 -9.18 -9.90 21.37
N TYR B 31 -9.05 -11.22 21.43
CA TYR B 31 -10.19 -12.10 21.67
C TYR B 31 -10.41 -12.22 23.18
N SER B 32 -11.58 -11.80 23.66
CA SER B 32 -11.81 -11.83 25.11
C SER B 32 -11.96 -13.25 25.67
N SER B 33 -12.24 -14.26 24.87
CA SER B 33 -12.39 -15.58 25.49
C SER B 33 -11.04 -16.24 25.78
N ASN B 34 -9.95 -15.81 25.14
CA ASN B 34 -8.64 -16.32 25.56
C ASN B 34 -7.64 -15.24 25.91
N ASN B 35 -8.01 -13.97 25.87
CA ASN B 35 -7.14 -12.85 26.21
C ASN B 35 -5.89 -12.79 25.32
N LYS B 36 -6.02 -13.23 24.07
CA LYS B 36 -4.89 -13.25 23.14
C LYS B 36 -5.08 -12.21 22.05
N ASN B 37 -3.99 -11.54 21.73
CA ASN B 37 -3.94 -10.65 20.58
C ASN B 37 -3.44 -11.43 19.38
N TYR B 38 -4.22 -11.40 18.28
CA TYR B 38 -3.93 -12.23 17.12
C TYR B 38 -3.02 -11.44 16.16
N LEU B 39 -1.76 -11.30 16.60
CA LEU B 39 -0.83 -10.34 16.01
C LEU B 39 0.56 -10.95 15.90
N ALA B 40 1.17 -10.87 14.72
CA ALA B 40 2.50 -11.44 14.47
C ALA B 40 3.45 -10.41 13.89
N TRP B 41 4.73 -10.58 14.16
CA TRP B 41 5.79 -9.78 13.56
C TRP B 41 6.76 -10.66 12.79
N TYR B 42 7.17 -10.20 11.61
CA TYR B 42 8.11 -10.91 10.74
C TYR B 42 9.33 -10.05 10.43
N GLN B 43 10.46 -10.71 10.19
CA GLN B 43 11.68 -10.06 9.71
C GLN B 43 11.98 -10.58 8.33
N GLN B 44 12.26 -9.68 7.38
CA GLN B 44 12.57 -10.08 6.01
C GLN B 44 13.86 -9.40 5.55
N LYS B 45 14.84 -10.17 5.36
CA LYS B 45 16.12 -9.80 4.79
C LYS B 45 16.09 -9.99 3.27
N PRO B 46 16.91 -9.25 2.51
CA PRO B 46 16.76 -9.26 1.05
C PRO B 46 17.10 -10.61 0.45
N GLY B 47 16.32 -11.01 -0.55
CA GLY B 47 16.42 -12.31 -1.18
C GLY B 47 15.81 -13.46 -0.40
N GLN B 48 15.26 -13.22 0.77
CA GLN B 48 14.80 -14.27 1.66
C GLN B 48 13.29 -14.16 1.87
N PRO B 49 12.62 -15.27 2.21
CA PRO B 49 11.24 -15.17 2.67
C PRO B 49 11.18 -14.48 4.02
N PRO B 50 10.02 -13.99 4.43
CA PRO B 50 9.84 -13.52 5.80
C PRO B 50 10.11 -14.62 6.81
N LYS B 51 10.58 -14.21 7.99
CA LYS B 51 10.86 -15.12 9.09
C LYS B 51 10.04 -14.68 10.29
N LEU B 52 9.33 -15.61 10.89
CA LEU B 52 8.48 -15.26 12.02
C LEU B 52 9.34 -14.92 13.24
N LEU B 53 9.09 -13.75 13.84
CA LEU B 53 9.80 -13.27 15.04
C LEU B 53 8.94 -13.37 16.30
N ILE B 54 7.75 -12.79 16.26
CA ILE B 54 6.84 -12.67 17.40
C ILE B 54 5.47 -13.16 16.95
N TYR B 55 4.77 -13.88 17.83
CA TYR B 55 3.36 -14.21 17.60
C TYR B 55 2.61 -14.06 18.92
N TRP B 56 1.28 -14.00 18.83
CA TRP B 56 0.42 -13.63 19.95
C TRP B 56 0.84 -12.28 20.56
N ALA B 57 1.31 -11.36 19.70
CA ALA B 57 1.82 -10.01 20.00
C ALA B 57 3.11 -9.96 20.83
N SER B 58 3.39 -10.96 21.65
CA SER B 58 4.52 -10.88 22.56
C SER B 58 5.32 -12.16 22.75
N THR B 59 4.93 -13.27 22.12
CA THR B 59 5.65 -14.54 22.28
C THR B 59 6.72 -14.67 21.20
N ARG B 60 7.98 -14.87 21.61
CA ARG B 60 9.09 -15.03 20.68
C ARG B 60 9.13 -16.43 20.10
N GLU B 61 9.36 -16.51 18.79
CA GLU B 61 9.63 -17.76 18.13
C GLU B 61 10.96 -18.34 18.62
N SER B 62 11.09 -19.67 18.52
CA SER B 62 12.30 -20.40 18.91
C SER B 62 13.54 -19.87 18.19
N GLY B 63 14.54 -19.48 18.96
CA GLY B 63 15.79 -18.97 18.41
C GLY B 63 15.88 -17.47 18.33
N VAL B 64 14.76 -16.77 18.44
CA VAL B 64 14.81 -15.29 18.34
C VAL B 64 15.41 -14.74 19.63
N PRO B 65 16.41 -13.86 19.55
CA PRO B 65 17.03 -13.33 20.78
C PRO B 65 16.09 -12.41 21.55
N ASP B 66 16.44 -12.19 22.82
CA ASP B 66 15.61 -11.44 23.75
C ASP B 66 15.65 -9.94 23.48
N ARG B 67 16.60 -9.47 22.68
CA ARG B 67 16.61 -8.08 22.23
C ARG B 67 15.37 -7.74 21.41
N PHE B 68 14.74 -8.73 20.79
CA PHE B 68 13.48 -8.53 20.05
C PHE B 68 12.30 -8.71 21.01
N SER B 69 11.44 -7.71 21.11
CA SER B 69 10.37 -7.73 22.10
C SER B 69 9.08 -7.14 21.52
N GLY B 70 7.99 -7.91 21.58
CA GLY B 70 6.69 -7.44 21.14
C GLY B 70 5.85 -7.04 22.34
N SER B 71 5.10 -5.94 22.18
CA SER B 71 4.25 -5.43 23.24
C SER B 71 3.00 -4.82 22.63
N GLY B 72 2.07 -4.43 23.49
CA GLY B 72 0.83 -3.80 23.09
C GLY B 72 -0.36 -4.75 23.22
N SER B 73 -1.55 -4.17 23.05
CA SER B 73 -2.78 -4.95 23.18
C SER B 73 -3.90 -4.24 22.43
N GLY B 74 -4.87 -5.03 21.94
CA GLY B 74 -6.04 -4.40 21.35
C GLY B 74 -5.86 -3.92 19.92
N THR B 75 -5.55 -2.61 19.75
CA THR B 75 -5.27 -2.05 18.43
C THR B 75 -3.87 -1.44 18.27
N ASP B 76 -3.07 -1.33 19.33
CA ASP B 76 -1.79 -0.63 19.25
C ASP B 76 -0.67 -1.56 19.66
N PHE B 77 0.32 -1.76 18.78
CA PHE B 77 1.37 -2.75 19.03
C PHE B 77 2.73 -2.17 18.67
N THR B 78 3.77 -2.71 19.30
CA THR B 78 5.13 -2.22 19.13
C THR B 78 6.11 -3.38 19.12
N LEU B 79 6.98 -3.40 18.11
CA LEU B 79 8.17 -4.24 18.12
C LEU B 79 9.36 -3.38 18.56
N THR B 80 10.07 -3.84 19.59
CA THR B 80 11.23 -3.14 20.10
C THR B 80 12.45 -4.03 19.88
N ILE B 81 13.45 -3.48 19.22
CA ILE B 81 14.75 -4.13 19.08
C ILE B 81 15.75 -3.33 19.89
N SER B 82 16.17 -3.90 21.01
CA SER B 82 17.20 -3.31 21.85
C SER B 82 18.59 -3.66 21.33
N SER B 83 19.52 -2.72 21.53
CA SER B 83 20.95 -2.89 21.25
C SER B 83 21.17 -3.39 19.81
N LEU B 84 20.83 -2.50 18.88
CA LEU B 84 20.81 -2.81 17.46
C LEU B 84 22.18 -3.34 16.98
N GLN B 85 22.15 -4.44 16.24
CA GLN B 85 23.32 -5.05 15.64
C GLN B 85 23.27 -4.92 14.12
N ALA B 86 24.44 -5.11 13.48
CA ALA B 86 24.54 -4.90 12.04
C ALA B 86 23.68 -5.87 11.25
N GLY B 87 23.49 -7.09 11.76
CA GLY B 87 22.65 -8.09 11.14
C GLY B 87 21.17 -7.88 11.27
N ASP B 88 20.72 -6.85 11.97
CA ASP B 88 19.29 -6.59 12.12
C ASP B 88 18.69 -5.81 10.96
N VAL B 89 19.50 -5.40 9.97
CA VAL B 89 18.98 -4.68 8.82
C VAL B 89 18.06 -5.60 8.03
N ALA B 90 16.84 -5.13 7.79
CA ALA B 90 15.77 -5.97 7.26
C ALA B 90 14.56 -5.05 7.08
N VAL B 91 13.54 -5.60 6.43
CA VAL B 91 12.21 -5.03 6.46
C VAL B 91 11.40 -5.81 7.49
N TYR B 92 10.71 -5.10 8.37
CA TYR B 92 9.91 -5.70 9.42
C TYR B 92 8.43 -5.50 9.11
N HIS B 93 7.66 -6.57 9.22
CA HIS B 93 6.25 -6.60 8.87
C HIS B 93 5.41 -7.05 10.07
N CYS B 94 4.31 -6.36 10.32
CA CYS B 94 3.29 -6.86 11.24
C CYS B 94 2.13 -7.47 10.45
N GLN B 95 1.42 -8.42 11.09
CA GLN B 95 0.30 -9.11 10.46
C GLN B 95 -0.77 -9.42 11.50
N GLN B 96 -2.04 -9.23 11.14
CA GLN B 96 -3.12 -9.75 11.96
C GLN B 96 -3.64 -11.06 11.38
N TYR B 97 -3.94 -12.01 12.27
CA TYR B 97 -4.61 -13.25 11.88
C TYR B 97 -5.86 -13.44 12.72
N TYR B 98 -6.49 -12.33 13.10
CA TYR B 98 -7.72 -12.33 13.91
C TYR B 98 -8.91 -12.79 13.08
N SER B 99 -9.04 -12.30 11.86
CA SER B 99 -10.16 -12.69 11.01
C SER B 99 -9.76 -12.52 9.55
N THR B 100 -10.35 -13.37 8.70
CA THR B 100 -10.11 -13.28 7.27
C THR B 100 -10.86 -12.08 6.69
N PRO B 101 -10.29 -11.37 5.70
CA PRO B 101 -8.98 -11.55 5.07
C PRO B 101 -7.85 -11.15 5.98
N TYR B 102 -6.85 -12.02 6.12
CA TYR B 102 -5.68 -11.66 6.90
C TYR B 102 -4.97 -10.51 6.19
N SER B 103 -4.26 -9.70 6.96
CA SER B 103 -3.72 -8.50 6.34
C SER B 103 -2.40 -8.16 7.01
N PHE B 104 -1.53 -7.52 6.25
CA PHE B 104 -0.22 -7.10 6.69
C PHE B 104 -0.15 -5.58 6.76
N GLY B 105 0.75 -5.09 7.58
CA GLY B 105 1.20 -3.70 7.45
C GLY B 105 2.03 -3.52 6.17
N GLN B 106 2.44 -2.28 5.95
CA GLN B 106 3.17 -1.99 4.71
C GLN B 106 4.66 -2.26 4.82
N GLY B 107 5.16 -2.62 5.99
CA GLY B 107 6.58 -2.90 6.14
C GLY B 107 7.35 -1.69 6.65
N THR B 108 8.38 -1.95 7.46
CA THR B 108 9.26 -0.91 7.99
C THR B 108 10.69 -1.31 7.68
N LYS B 109 11.39 -0.50 6.89
CA LYS B 109 12.76 -0.78 6.50
C LYS B 109 13.71 -0.25 7.57
N LEU B 110 14.53 -1.11 8.13
CA LEU B 110 15.49 -0.74 9.17
C LEU B 110 16.90 -0.80 8.59
N GLU B 111 17.63 0.31 8.70
CA GLU B 111 19.01 0.35 8.23
C GLU B 111 19.92 0.89 9.31
N ILE B 112 21.22 0.56 9.19
CA ILE B 112 22.22 1.02 10.16
C ILE B 112 22.83 2.32 9.67
N LYS B 113 22.78 3.36 10.49
CA LYS B 113 23.50 4.60 10.25
C LYS B 113 24.91 4.48 10.81
N ARG B 114 25.90 4.35 9.93
CA ARG B 114 27.29 4.31 10.37
C ARG B 114 27.75 5.71 10.78
N ARG B 115 28.56 5.76 11.84
CA ARG B 115 29.10 7.05 12.27
C ARG B 115 30.09 7.61 11.26
N THR B 116 30.91 6.75 10.67
CA THR B 116 31.99 7.18 9.79
C THR B 116 31.77 6.66 8.38
N VAL B 117 32.29 7.41 7.41
CA VAL B 117 32.16 7.01 6.03
C VAL B 117 33.18 5.91 5.72
N ALA B 118 32.93 5.18 4.65
CA ALA B 118 33.88 4.20 4.11
C ALA B 118 34.02 4.44 2.61
N ALA B 119 35.25 4.62 2.16
CA ALA B 119 35.51 4.84 0.76
C ALA B 119 35.39 3.52 -0.01
N PRO B 120 34.88 3.55 -1.23
CA PRO B 120 34.86 2.32 -2.04
C PRO B 120 36.26 1.97 -2.52
N SER B 121 36.53 0.69 -2.60
CA SER B 121 37.62 0.27 -3.49
C SER B 121 37.00 0.15 -4.88
N VAL B 122 37.73 0.62 -5.90
CA VAL B 122 37.18 0.78 -7.25
C VAL B 122 37.93 -0.14 -8.21
N PHE B 123 37.18 -0.88 -9.02
CA PHE B 123 37.72 -1.82 -9.99
C PHE B 123 37.05 -1.62 -11.34
N ILE B 124 37.80 -1.76 -12.43
CA ILE B 124 37.24 -1.67 -13.77
C ILE B 124 37.52 -2.97 -14.51
N PHE B 125 36.53 -3.44 -15.28
CA PHE B 125 36.63 -4.67 -16.06
C PHE B 125 36.38 -4.38 -17.53
N PRO B 126 37.36 -4.66 -18.40
CA PRO B 126 37.10 -4.58 -19.85
C PRO B 126 36.13 -5.67 -20.27
N PRO B 127 35.47 -5.52 -21.42
CA PRO B 127 34.66 -6.63 -21.95
C PRO B 127 35.54 -7.82 -22.33
N SER B 128 35.03 -9.01 -22.04
CA SER B 128 35.74 -10.22 -22.41
C SER B 128 35.73 -10.39 -23.93
N ASP B 129 36.71 -11.13 -24.43
CA ASP B 129 36.74 -11.46 -25.85
C ASP B 129 35.52 -12.28 -26.25
N GLU B 130 35.00 -13.11 -25.33
CA GLU B 130 33.83 -13.92 -25.69
C GLU B 130 32.58 -13.06 -25.84
N GLN B 131 32.43 -11.99 -25.03
CA GLN B 131 31.27 -11.13 -25.23
C GLN B 131 31.37 -10.39 -26.55
N LEU B 132 32.58 -9.98 -26.95
CA LEU B 132 32.76 -9.31 -28.23
C LEU B 132 32.34 -10.18 -29.40
N LYS B 133 32.42 -11.51 -29.27
CA LYS B 133 31.89 -12.37 -30.33
C LYS B 133 30.37 -12.30 -30.45
N SER B 134 29.67 -11.82 -29.42
CA SER B 134 28.24 -11.62 -29.52
C SER B 134 27.86 -10.20 -29.97
N GLY B 135 28.84 -9.36 -30.30
CA GLY B 135 28.55 -8.08 -30.93
C GLY B 135 28.37 -6.92 -29.99
N THR B 136 28.55 -7.13 -28.69
CA THR B 136 28.30 -6.13 -27.68
C THR B 136 29.50 -6.09 -26.76
N ALA B 137 29.83 -4.91 -26.27
CA ALA B 137 30.85 -4.72 -25.26
C ALA B 137 30.21 -4.11 -24.02
N SER B 138 30.33 -4.80 -22.89
CA SER B 138 29.96 -4.26 -21.59
C SER B 138 31.23 -3.94 -20.82
N VAL B 139 31.34 -2.71 -20.32
CA VAL B 139 32.45 -2.29 -19.47
C VAL B 139 31.88 -2.09 -18.08
N VAL B 140 32.51 -2.68 -17.07
CA VAL B 140 31.95 -2.73 -15.72
C VAL B 140 32.88 -2.00 -14.76
N CYS B 141 32.32 -1.07 -14.01
CA CYS B 141 33.02 -0.35 -12.96
C CYS B 141 32.41 -0.79 -11.64
N LEU B 142 33.24 -1.27 -10.73
CA LEU B 142 32.79 -1.85 -9.46
C LEU B 142 33.23 -0.96 -8.31
N LEU B 143 32.27 -0.58 -7.46
CA LEU B 143 32.54 0.17 -6.23
C LEU B 143 32.21 -0.76 -5.07
N ASN B 144 33.22 -1.14 -4.29
CA ASN B 144 33.08 -2.21 -3.30
C ASN B 144 33.10 -1.62 -1.89
N ASN B 145 32.02 -1.86 -1.13
CA ASN B 145 31.96 -1.70 0.33
C ASN B 145 32.19 -0.26 0.77
N PHE B 146 31.24 0.60 0.40
CA PHE B 146 31.31 2.02 0.73
C PHE B 146 30.10 2.44 1.55
N TYR B 147 30.24 3.57 2.24
CA TYR B 147 29.16 4.19 3.02
C TYR B 147 29.47 5.69 3.04
N PRO B 148 28.47 6.56 2.82
CA PRO B 148 27.04 6.35 2.58
C PRO B 148 26.73 5.84 1.18
N ARG B 149 25.44 5.59 0.92
CA ARG B 149 25.02 4.94 -0.32
C ARG B 149 25.22 5.84 -1.55
N GLU B 150 25.14 7.16 -1.36
CA GLU B 150 25.21 8.11 -2.46
C GLU B 150 26.59 8.12 -3.10
N ALA B 151 26.65 7.98 -4.42
CA ALA B 151 27.90 7.92 -5.14
C ALA B 151 27.65 8.37 -6.57
N LYS B 152 28.66 8.99 -7.19
CA LYS B 152 28.57 9.45 -8.57
C LYS B 152 29.62 8.73 -9.40
N VAL B 153 29.19 8.10 -10.49
CA VAL B 153 30.05 7.32 -11.38
C VAL B 153 29.86 7.84 -12.79
N GLN B 154 30.92 8.38 -13.37
CA GLN B 154 30.82 8.93 -14.73
C GLN B 154 31.77 8.20 -15.67
N TRP B 155 31.27 7.85 -16.85
CA TRP B 155 32.07 7.16 -17.85
C TRP B 155 32.67 8.14 -18.84
N LYS B 156 33.93 7.91 -19.20
CA LYS B 156 34.61 8.68 -20.22
C LYS B 156 35.23 7.72 -21.22
N VAL B 157 34.99 7.97 -22.49
CA VAL B 157 35.52 7.16 -23.57
C VAL B 157 36.34 8.11 -24.42
N ASP B 158 37.65 7.90 -24.44
CA ASP B 158 38.59 8.85 -25.05
C ASP B 158 38.38 10.26 -24.52
N ASN B 159 38.19 10.34 -23.20
CA ASN B 159 37.91 11.56 -22.43
C ASN B 159 36.63 12.28 -22.83
N ALA B 160 35.69 11.58 -23.45
CA ALA B 160 34.38 12.12 -23.77
C ALA B 160 33.35 11.60 -22.78
N LEU B 161 32.61 12.50 -22.14
CA LEU B 161 31.67 12.08 -21.12
C LEU B 161 30.46 11.39 -21.76
N GLN B 162 30.14 10.20 -21.27
CA GLN B 162 29.07 9.37 -21.79
C GLN B 162 27.75 9.65 -21.08
N SER B 163 26.66 9.56 -21.84
CA SER B 163 25.34 9.73 -21.27
C SER B 163 24.37 8.81 -21.98
N GLY B 164 23.45 8.21 -21.21
CA GLY B 164 22.38 7.41 -21.77
C GLY B 164 22.72 5.97 -22.10
N ASN B 165 23.97 5.54 -21.92
CA ASN B 165 24.37 4.18 -22.25
C ASN B 165 24.96 3.45 -21.06
N SER B 166 24.58 3.83 -19.84
CA SER B 166 25.05 3.12 -18.66
C SER B 166 23.93 2.91 -17.65
N GLN B 167 24.03 1.81 -16.89
CA GLN B 167 23.06 1.51 -15.86
C GLN B 167 23.76 1.04 -14.60
N GLU B 168 23.22 1.43 -13.45
CA GLU B 168 23.80 1.12 -12.15
C GLU B 168 22.94 0.14 -11.39
N SER B 169 23.59 -0.63 -10.53
CA SER B 169 22.85 -1.49 -9.61
C SER B 169 23.55 -1.44 -8.27
N VAL B 170 22.78 -1.45 -7.18
CA VAL B 170 23.34 -1.24 -5.84
C VAL B 170 22.80 -2.33 -4.92
N THR B 171 23.68 -2.92 -4.12
CA THR B 171 23.24 -3.95 -3.19
C THR B 171 22.50 -3.32 -2.01
N GLU B 172 21.78 -4.19 -1.30
CA GLU B 172 21.27 -3.93 0.03
C GLU B 172 22.43 -3.71 1.01
N GLN B 173 22.13 -3.05 2.13
CA GLN B 173 23.15 -2.78 3.14
C GLN B 173 23.70 -4.07 3.73
N ASP B 174 25.03 -4.16 3.83
CA ASP B 174 25.68 -5.40 4.23
C ASP B 174 25.41 -5.71 5.70
N SER B 175 25.17 -6.98 5.99
CA SER B 175 24.78 -7.37 7.34
C SER B 175 25.97 -7.43 8.30
N LYS B 176 27.19 -7.20 7.83
CA LYS B 176 28.38 -7.23 8.67
C LYS B 176 29.04 -5.87 8.84
N ASP B 177 29.32 -5.14 7.76
CA ASP B 177 29.99 -3.85 7.90
C ASP B 177 29.08 -2.68 7.56
N SER B 178 27.80 -2.94 7.28
CA SER B 178 26.78 -1.91 7.00
C SER B 178 27.15 -0.99 5.84
N THR B 179 27.90 -1.51 4.87
CA THR B 179 28.25 -0.78 3.67
C THR B 179 27.34 -1.21 2.52
N TYR B 180 27.52 -0.55 1.38
CA TYR B 180 26.83 -0.86 0.13
C TYR B 180 27.89 -1.15 -0.90
N SER B 181 27.51 -1.87 -1.96
CA SER B 181 28.38 -1.97 -3.14
C SER B 181 27.56 -1.63 -4.40
N LEU B 182 28.28 -1.24 -5.46
CA LEU B 182 27.63 -0.70 -6.66
C LEU B 182 28.38 -1.12 -7.91
N SER B 183 27.64 -1.48 -8.94
CA SER B 183 28.19 -1.67 -10.28
C SER B 183 27.58 -0.66 -11.22
N SER B 184 28.39 -0.15 -12.14
CA SER B 184 27.92 0.64 -13.27
C SER B 184 28.38 -0.06 -14.54
N THR B 185 27.46 -0.28 -15.46
CA THR B 185 27.77 -1.03 -16.67
C THR B 185 27.58 -0.13 -17.87
N LEU B 186 28.65 0.10 -18.62
CA LEU B 186 28.59 0.83 -19.86
C LEU B 186 28.40 -0.17 -21.00
N THR B 187 27.42 0.06 -21.87
CA THR B 187 27.13 -0.86 -22.97
C THR B 187 27.36 -0.16 -24.31
N LEU B 188 28.21 -0.75 -25.15
CA LEU B 188 28.49 -0.27 -26.50
C LEU B 188 28.38 -1.42 -27.47
N SER B 189 28.13 -1.11 -28.74
CA SER B 189 28.29 -2.11 -29.78
C SER B 189 29.77 -2.45 -29.91
N LYS B 190 30.06 -3.67 -30.39
CA LYS B 190 31.46 -4.04 -30.62
C LYS B 190 32.12 -3.08 -31.60
N ALA B 191 31.38 -2.64 -32.61
CA ALA B 191 31.92 -1.69 -33.59
C ALA B 191 32.27 -0.34 -32.96
N ASP B 192 31.43 0.16 -32.05
CA ASP B 192 31.76 1.42 -31.38
C ASP B 192 32.90 1.23 -30.40
N TYR B 193 32.94 0.08 -29.72
CA TYR B 193 33.99 -0.22 -28.76
C TYR B 193 35.36 -0.24 -29.42
N GLU B 194 35.44 -0.78 -30.64
CA GLU B 194 36.71 -0.94 -31.32
C GLU B 194 37.21 0.33 -32.00
N LYS B 195 36.42 1.41 -32.04
CA LYS B 195 36.88 2.70 -32.55
C LYS B 195 37.61 3.52 -31.51
N HIS B 196 37.61 3.12 -30.24
CA HIS B 196 38.10 4.00 -29.19
C HIS B 196 39.15 3.27 -28.36
N LYS B 197 39.96 4.05 -27.65
CA LYS B 197 41.11 3.50 -26.94
C LYS B 197 40.97 3.55 -25.43
N VAL B 198 40.70 4.73 -24.85
CA VAL B 198 40.74 4.92 -23.39
C VAL B 198 39.33 4.80 -22.82
N TYR B 199 39.15 3.88 -21.88
CA TYR B 199 37.89 3.66 -21.19
C TYR B 199 38.12 3.93 -19.72
N ALA B 200 37.36 4.87 -19.15
CA ALA B 200 37.60 5.30 -17.78
C ALA B 200 36.28 5.48 -17.04
N CYS B 201 36.24 5.06 -15.78
CA CYS B 201 35.14 5.46 -14.89
C CYS B 201 35.70 6.34 -13.79
N GLU B 202 35.05 7.47 -13.56
CA GLU B 202 35.44 8.43 -12.53
C GLU B 202 34.41 8.39 -11.41
N VAL B 203 34.88 8.20 -10.19
CA VAL B 203 34.05 7.90 -9.04
C VAL B 203 34.18 9.04 -8.05
N THR B 204 33.05 9.63 -7.68
CA THR B 204 32.99 10.65 -6.63
C THR B 204 32.22 10.09 -5.45
N HIS B 205 32.79 10.20 -4.24
CA HIS B 205 32.16 9.66 -3.04
C HIS B 205 32.78 10.35 -1.84
N GLN B 206 31.97 10.50 -0.78
CA GLN B 206 32.39 11.24 0.42
C GLN B 206 33.61 10.60 1.10
N GLY B 207 33.77 9.29 0.98
CA GLY B 207 34.95 8.65 1.53
C GLY B 207 36.25 8.95 0.79
N LEU B 208 36.17 9.46 -0.43
CA LEU B 208 37.36 9.82 -1.21
C LEU B 208 37.63 11.31 -1.10
N SER B 209 38.91 11.67 -0.92
CA SER B 209 39.28 13.08 -0.74
C SER B 209 39.04 13.87 -2.01
N SER B 210 39.14 13.22 -3.16
CA SER B 210 38.91 13.82 -4.46
C SER B 210 38.48 12.67 -5.39
N PRO B 211 37.88 13.01 -6.54
CA PRO B 211 37.41 11.91 -7.43
C PRO B 211 38.55 11.03 -7.95
N VAL B 212 38.22 9.75 -8.07
CA VAL B 212 39.16 8.69 -8.42
C VAL B 212 38.79 8.18 -9.80
N THR B 213 39.78 8.00 -10.68
CA THR B 213 39.58 7.44 -12.01
C THR B 213 40.29 6.10 -12.13
N LYS B 214 39.57 5.07 -12.61
CA LYS B 214 40.17 3.81 -13.03
C LYS B 214 39.98 3.68 -14.54
N SER B 215 41.03 3.28 -15.25
CA SER B 215 40.98 3.27 -16.71
C SER B 215 41.79 2.11 -17.25
N PHE B 216 41.53 1.78 -18.52
CA PHE B 216 42.37 0.88 -19.30
C PHE B 216 42.39 1.39 -20.73
N ASN B 217 43.39 0.93 -21.48
CA ASN B 217 43.45 1.13 -22.93
C ASN B 217 43.05 -0.17 -23.60
N ARG B 218 42.14 -0.06 -24.57
CA ARG B 218 41.62 -1.23 -25.28
C ARG B 218 42.72 -1.92 -26.07
N GLY B 219 42.83 -3.23 -25.88
CA GLY B 219 43.84 -4.02 -26.56
C GLY B 219 45.18 -4.08 -25.84
N GLU B 220 45.45 -3.14 -24.95
CA GLU B 220 46.64 -3.14 -24.13
C GLU B 220 46.31 -3.79 -22.80
N CYS B 221 47.34 -4.13 -22.05
CA CYS B 221 47.12 -4.80 -20.80
C CYS B 221 48.27 -4.62 -19.82
N GLY C 2 0.48 -29.41 26.14
CA GLY C 2 -0.63 -29.06 25.28
C GLY C 2 -1.20 -27.67 25.54
N VAL C 3 -0.63 -26.99 26.53
CA VAL C 3 -1.02 -25.63 26.92
C VAL C 3 0.20 -24.74 26.75
N ASP C 4 0.00 -23.53 26.22
CA ASP C 4 1.11 -22.60 26.05
C ASP C 4 1.31 -21.77 27.31
N GLU C 5 2.16 -20.75 27.23
CA GLU C 5 2.58 -19.98 28.39
C GLU C 5 1.62 -18.85 28.76
N LEU C 6 0.55 -18.62 27.97
CA LEU C 6 -0.37 -17.53 28.22
C LEU C 6 -1.70 -18.00 28.81
N ASP C 7 -2.17 -19.21 28.49
CA ASP C 7 -3.52 -19.65 28.83
C ASP C 7 -3.63 -20.03 30.30
N LYS C 8 -4.57 -19.40 31.01
CA LYS C 8 -4.88 -19.74 32.39
C LYS C 8 -6.38 -20.00 32.53
N ILE C 9 -6.74 -20.82 33.51
CA ILE C 9 -8.12 -21.00 33.92
C ILE C 9 -8.21 -20.78 35.43
N ASP C 10 -9.44 -20.74 35.93
CA ASP C 10 -9.72 -20.62 37.36
C ASP C 10 -9.83 -22.01 37.96
N LEU C 11 -8.76 -22.46 38.62
CA LEU C 11 -8.78 -23.81 39.16
C LEU C 11 -9.60 -23.92 40.43
N SER C 12 -9.86 -22.78 41.08
CA SER C 12 -10.75 -22.74 42.25
C SER C 12 -12.22 -22.95 41.89
N TYR C 13 -12.63 -22.63 40.66
CA TYR C 13 -14.04 -22.63 40.32
C TYR C 13 -14.62 -24.04 40.30
N GLU C 14 -15.75 -24.24 40.98
CA GLU C 14 -16.47 -25.49 40.85
C GLU C 14 -17.96 -25.20 40.95
N THR C 15 -18.74 -25.98 40.21
CA THR C 15 -20.19 -25.97 40.31
C THR C 15 -20.68 -27.39 40.07
N THR C 16 -21.99 -27.56 39.89
CA THR C 16 -22.61 -28.84 39.59
C THR C 16 -23.61 -28.65 38.46
N GLU C 17 -24.07 -29.76 37.86
CA GLU C 17 -25.09 -29.66 36.81
C GLU C 17 -26.38 -29.06 37.34
N SER C 18 -26.82 -29.47 38.52
CA SER C 18 -28.09 -28.95 39.03
C SER C 18 -27.96 -27.55 39.61
N GLY C 19 -26.74 -27.14 39.97
CA GLY C 19 -26.54 -25.83 40.57
C GLY C 19 -27.28 -25.72 41.89
N ASP C 20 -28.07 -24.65 42.02
CA ASP C 20 -28.86 -24.36 43.21
C ASP C 20 -30.33 -24.73 43.06
N THR C 21 -30.72 -25.42 41.98
CA THR C 21 -32.14 -25.61 41.69
C THR C 21 -32.80 -26.67 42.57
N ALA C 22 -32.01 -27.54 43.22
CA ALA C 22 -32.48 -28.71 43.96
C ALA C 22 -33.26 -29.69 43.07
N VAL C 23 -32.92 -29.76 41.79
CA VAL C 23 -33.54 -30.69 40.86
C VAL C 23 -32.58 -31.86 40.70
N SER C 24 -33.09 -33.08 40.87
CA SER C 24 -32.20 -34.23 40.71
C SER C 24 -32.13 -34.61 39.24
N GLU C 25 -31.12 -35.40 38.89
CA GLU C 25 -30.85 -35.72 37.49
C GLU C 25 -31.94 -36.58 36.87
N ASP C 26 -32.66 -37.39 37.68
CA ASP C 26 -33.84 -38.09 37.20
C ASP C 26 -34.90 -37.14 36.64
N SER C 27 -34.96 -35.91 37.15
CA SER C 27 -36.02 -34.99 36.77
C SER C 27 -35.62 -33.99 35.70
N TYR C 28 -34.46 -34.15 35.05
CA TYR C 28 -34.04 -33.22 34.01
C TYR C 28 -34.91 -33.42 32.75
N ASP C 29 -35.25 -32.32 32.08
CA ASP C 29 -35.83 -32.40 30.74
C ASP C 29 -34.67 -32.49 29.76
N LYS C 30 -34.36 -33.69 29.30
CA LYS C 30 -33.25 -33.92 28.38
C LYS C 30 -33.80 -34.00 26.97
N TYR C 31 -33.07 -33.41 26.02
CA TYR C 31 -33.47 -33.44 24.62
C TYR C 31 -32.24 -33.28 23.74
N ALA C 32 -32.41 -33.62 22.46
CA ALA C 32 -31.30 -33.55 21.52
C ALA C 32 -31.18 -32.15 20.93
N SER C 33 -29.96 -31.82 20.50
CA SER C 33 -29.75 -30.58 19.78
C SER C 33 -30.45 -30.65 18.42
N GLN C 34 -30.71 -29.47 17.84
CA GLN C 34 -31.37 -29.39 16.54
C GLN C 34 -30.26 -29.42 15.48
N ASN C 35 -30.23 -30.50 14.69
CA ASN C 35 -29.11 -30.78 13.79
C ASN C 35 -29.56 -30.60 12.35
N THR C 36 -28.94 -29.64 11.66
CA THR C 36 -29.18 -29.44 10.24
C THR C 36 -27.86 -29.57 9.53
N ASN C 37 -27.73 -30.64 8.73
CA ASN C 37 -26.51 -31.01 8.01
C ASN C 37 -25.41 -31.21 9.05
N LYS C 38 -24.30 -30.48 9.00
CA LYS C 38 -23.23 -30.61 9.98
C LYS C 38 -23.23 -29.47 10.99
N GLU C 39 -24.36 -28.81 11.19
CA GLU C 39 -24.50 -27.79 12.23
C GLU C 39 -25.46 -28.31 13.30
N TYR C 40 -24.98 -28.39 14.53
CA TYR C 40 -25.75 -28.92 15.66
C TYR C 40 -26.00 -27.76 16.60
N VAL C 41 -27.28 -27.45 16.86
CA VAL C 41 -27.66 -26.19 17.51
C VAL C 41 -28.40 -26.47 18.81
N CYS C 42 -27.97 -25.80 19.89
CA CYS C 42 -28.73 -25.72 21.13
C CYS C 42 -29.22 -24.30 21.30
N ASP C 43 -30.52 -24.08 21.16
CA ASP C 43 -31.12 -22.77 21.23
C ASP C 43 -31.95 -22.66 22.50
N PHE C 44 -31.53 -21.77 23.40
CA PHE C 44 -32.21 -21.66 24.68
C PHE C 44 -33.19 -20.50 24.74
N THR C 45 -33.45 -19.82 23.61
CA THR C 45 -34.33 -18.65 23.62
C THR C 45 -35.79 -18.97 23.92
N ASP C 46 -36.23 -20.23 23.82
CA ASP C 46 -37.61 -20.57 24.19
C ASP C 46 -37.64 -21.64 25.30
N GLN C 47 -36.53 -21.85 26.01
CA GLN C 47 -36.47 -22.90 27.00
C GLN C 47 -36.38 -22.43 28.44
N LEU C 48 -36.03 -21.15 28.68
CA LEU C 48 -35.58 -20.75 30.01
C LEU C 48 -36.40 -19.63 30.65
N LYS C 49 -37.50 -19.19 30.04
CA LYS C 49 -38.27 -18.09 30.60
C LYS C 49 -39.00 -18.54 31.86
N PRO C 50 -39.36 -17.61 32.75
CA PRO C 50 -40.07 -17.97 33.99
C PRO C 50 -41.36 -18.73 33.73
N THR C 51 -41.49 -19.90 34.37
CA THR C 51 -42.63 -20.80 34.20
C THR C 51 -43.13 -21.20 35.58
N GLU C 52 -44.37 -21.72 35.58
CA GLU C 52 -45.06 -22.11 36.81
C GLU C 52 -44.29 -23.15 37.60
N SER C 53 -43.77 -24.16 36.91
CA SER C 53 -43.08 -25.26 37.56
C SER C 53 -41.61 -24.95 37.84
N GLY C 54 -41.14 -23.74 37.49
CA GLY C 54 -39.75 -23.38 37.55
C GLY C 54 -39.18 -23.33 38.96
N PRO C 55 -37.87 -23.61 39.09
CA PRO C 55 -36.90 -23.88 38.04
C PRO C 55 -36.89 -25.32 37.56
N LYS C 56 -36.89 -25.51 36.25
CA LYS C 56 -36.60 -26.82 35.69
C LYS C 56 -35.17 -26.81 35.14
N VAL C 57 -34.65 -28.00 34.86
CA VAL C 57 -33.37 -28.16 34.20
C VAL C 57 -33.63 -28.62 32.77
N LYS C 58 -33.19 -27.82 31.81
CA LYS C 58 -33.28 -28.11 30.39
C LYS C 58 -31.90 -28.51 29.88
N LYS C 59 -31.73 -29.77 29.55
CA LYS C 59 -30.42 -30.30 29.20
C LYS C 59 -30.41 -30.66 27.72
N CYS C 60 -29.58 -29.95 26.96
CA CYS C 60 -29.45 -30.13 25.51
C CYS C 60 -28.24 -31.02 25.25
N GLU C 61 -28.47 -32.16 24.60
CA GLU C 61 -27.42 -33.15 24.38
C GLU C 61 -26.90 -33.04 22.95
N VAL C 62 -25.61 -32.74 22.81
CA VAL C 62 -24.94 -32.70 21.51
C VAL C 62 -24.09 -33.97 21.39
N LYS C 63 -24.47 -34.87 20.49
CA LYS C 63 -23.77 -36.15 20.35
C LYS C 63 -23.02 -36.17 19.02
N VAL C 64 -21.70 -36.28 19.06
CA VAL C 64 -20.87 -36.17 17.86
C VAL C 64 -20.15 -37.48 17.60
N ASN C 65 -20.30 -38.03 16.40
CA ASN C 65 -19.44 -39.15 16.02
C ASN C 65 -19.05 -39.11 14.54
N GLU C 66 -19.10 -37.95 13.90
CA GLU C 66 -18.72 -37.79 12.51
C GLU C 66 -17.88 -36.52 12.39
N PRO C 67 -17.08 -36.39 11.31
CA PRO C 67 -16.19 -35.22 11.18
C PRO C 67 -16.89 -33.91 10.89
N LEU C 68 -16.22 -32.83 11.28
CA LEU C 68 -16.50 -31.45 10.84
C LEU C 68 -17.85 -30.92 11.30
N ILE C 69 -18.26 -31.29 12.51
CA ILE C 69 -19.52 -30.80 13.06
C ILE C 69 -19.28 -29.41 13.63
N LYS C 70 -20.08 -28.44 13.19
CA LYS C 70 -20.13 -27.13 13.82
C LYS C 70 -21.18 -27.15 14.92
N VAL C 71 -20.76 -26.84 16.15
CA VAL C 71 -21.68 -26.80 17.29
C VAL C 71 -21.96 -25.33 17.60
N LYS C 72 -23.24 -24.99 17.73
CA LYS C 72 -23.66 -23.61 17.95
C LYS C 72 -24.60 -23.57 19.15
N ILE C 73 -24.35 -22.64 20.08
CA ILE C 73 -25.12 -22.54 21.32
C ILE C 73 -25.61 -21.12 21.46
N ILE C 74 -26.94 -20.96 21.58
CA ILE C 74 -27.56 -19.63 21.69
C ILE C 74 -28.12 -19.46 23.10
N CYS C 75 -27.65 -18.44 23.81
CA CYS C 75 -28.13 -18.20 25.16
C CYS C 75 -28.70 -16.79 25.21
N PRO C 76 -29.94 -16.62 25.66
CA PRO C 76 -30.57 -15.30 25.56
C PRO C 76 -29.89 -14.31 26.47
N LEU C 77 -29.71 -13.10 25.96
CA LEU C 77 -28.97 -12.09 26.67
C LEU C 77 -29.87 -11.44 27.71
N LYS C 78 -29.24 -10.97 28.80
CA LYS C 78 -29.92 -10.19 29.79
C LYS C 78 -30.45 -8.92 29.14
N GLY C 79 -31.72 -8.62 29.38
CA GLY C 79 -32.33 -7.45 28.77
C GLY C 79 -32.72 -7.61 27.32
N SER C 80 -32.53 -8.78 26.70
CA SER C 80 -33.00 -8.98 25.34
C SER C 80 -34.52 -9.02 25.28
N VAL C 81 -35.14 -9.49 26.35
CA VAL C 81 -36.55 -9.36 26.62
C VAL C 81 -36.68 -8.63 27.95
N GLU C 82 -37.65 -7.69 28.02
CA GLU C 82 -37.94 -7.01 29.26
C GLU C 82 -38.27 -8.03 30.35
N LYS C 83 -37.58 -7.89 31.50
CA LYS C 83 -37.76 -8.67 32.72
C LYS C 83 -37.33 -10.13 32.64
N LEU C 84 -37.55 -10.81 31.51
CA LEU C 84 -37.58 -12.27 31.54
C LEU C 84 -36.21 -12.93 31.63
N TYR C 85 -35.11 -12.21 31.39
CA TYR C 85 -33.77 -12.76 31.53
C TYR C 85 -32.88 -11.89 32.41
N ASP C 86 -33.47 -11.14 33.36
CA ASP C 86 -32.75 -10.10 34.09
C ASP C 86 -31.62 -10.68 34.94
N ASN C 87 -31.73 -11.94 35.37
CA ASN C 87 -30.69 -12.54 36.20
C ASN C 87 -30.06 -13.76 35.53
N ILE C 88 -30.07 -13.81 34.21
CA ILE C 88 -29.49 -14.96 33.51
C ILE C 88 -27.97 -14.90 33.62
N GLU C 89 -27.34 -16.06 33.75
CA GLU C 89 -25.90 -16.17 33.83
C GLU C 89 -25.42 -17.28 32.92
N TYR C 90 -24.30 -17.07 32.22
CA TYR C 90 -23.69 -18.10 31.40
C TYR C 90 -22.34 -18.51 31.98
N VAL C 91 -22.02 -19.81 31.92
CA VAL C 91 -20.79 -20.35 32.50
C VAL C 91 -20.19 -21.33 31.49
N PRO C 92 -18.88 -21.30 31.21
CA PRO C 92 -17.88 -20.29 31.61
C PRO C 92 -18.09 -18.96 30.89
N LYS C 93 -17.66 -17.86 31.52
CA LYS C 93 -17.71 -16.57 30.87
C LYS C 93 -16.85 -16.54 29.62
N LYS C 94 -15.77 -17.33 29.61
CA LYS C 94 -14.87 -17.40 28.47
C LYS C 94 -15.18 -18.57 27.54
N SER C 95 -16.45 -18.99 27.47
CA SER C 95 -16.86 -19.95 26.46
C SER C 95 -16.64 -19.35 25.08
N PRO C 96 -16.34 -20.19 24.06
CA PRO C 96 -16.16 -21.65 24.11
C PRO C 96 -14.70 -22.04 24.34
N TYR C 97 -13.83 -21.06 24.56
CA TYR C 97 -12.42 -21.38 24.79
C TYR C 97 -12.23 -22.13 26.10
N VAL C 98 -12.99 -21.74 27.13
CA VAL C 98 -13.02 -22.40 28.42
C VAL C 98 -14.36 -23.11 28.52
N VAL C 99 -14.32 -24.40 28.89
CA VAL C 99 -15.54 -25.20 29.07
C VAL C 99 -15.51 -25.81 30.46
N LEU C 100 -16.58 -26.53 30.82
CA LEU C 100 -16.64 -27.27 32.07
C LEU C 100 -16.57 -28.77 31.80
N THR C 101 -15.77 -29.50 32.60
CA THR C 101 -15.76 -30.95 32.54
C THR C 101 -16.02 -31.52 33.93
N LYS C 102 -16.32 -32.80 34.00
CA LYS C 102 -16.72 -33.40 35.25
C LYS C 102 -15.51 -33.93 35.98
N GLU C 103 -15.37 -33.52 37.25
CA GLU C 103 -14.33 -33.99 38.16
C GLU C 103 -15.04 -34.43 39.45
N GLU C 104 -15.18 -35.74 39.65
CA GLU C 104 -15.80 -36.35 40.85
C GLU C 104 -17.12 -35.67 41.24
N THR C 105 -18.13 -35.85 40.39
CA THR C 105 -19.49 -35.28 40.47
C THR C 105 -19.56 -33.75 40.28
N LYS C 106 -18.45 -33.04 40.33
CA LYS C 106 -18.43 -31.58 40.20
C LYS C 106 -18.07 -31.19 38.77
N LEU C 107 -18.34 -29.93 38.42
CA LEU C 107 -17.95 -29.31 37.16
C LEU C 107 -16.86 -28.28 37.40
N LYS C 108 -15.75 -28.41 36.67
CA LYS C 108 -14.59 -27.53 36.80
C LYS C 108 -14.14 -27.06 35.42
N GLU C 109 -13.35 -25.98 35.40
CA GLU C 109 -12.97 -25.35 34.14
C GLU C 109 -11.91 -26.17 33.41
N LYS C 110 -11.98 -26.19 32.09
CA LYS C 110 -10.98 -26.83 31.25
C LYS C 110 -10.82 -26.02 29.98
N LEU C 111 -9.66 -26.13 29.32
CA LEU C 111 -9.50 -25.53 28.00
C LEU C 111 -10.01 -26.50 26.93
N LEU C 112 -10.90 -26.02 26.07
CA LEU C 112 -11.42 -26.88 25.00
C LEU C 112 -10.30 -27.30 24.04
N SER C 113 -9.33 -26.40 23.80
CA SER C 113 -8.17 -26.70 22.96
C SER C 113 -7.32 -27.84 23.50
N LYS C 114 -7.24 -28.00 24.83
CA LYS C 114 -6.52 -29.12 25.37
C LYS C 114 -7.32 -30.42 25.25
N LEU C 115 -8.64 -30.31 25.19
CA LEU C 115 -9.50 -31.50 25.12
C LEU C 115 -9.52 -32.09 23.71
N ILE C 116 -9.63 -31.24 22.69
CA ILE C 116 -9.80 -31.67 21.31
C ILE C 116 -8.71 -31.00 20.46
N TYR C 117 -7.73 -31.79 20.02
CA TYR C 117 -6.65 -31.25 19.19
C TYR C 117 -7.20 -30.85 17.82
N GLY C 118 -6.85 -29.65 17.35
CA GLY C 118 -7.16 -29.28 16.00
C GLY C 118 -8.53 -28.67 15.76
N LEU C 119 -9.30 -28.36 16.80
CA LEU C 119 -10.64 -27.84 16.52
C LEU C 119 -10.56 -26.35 16.20
N LEU C 120 -11.63 -25.83 15.57
CA LEU C 120 -11.69 -24.42 15.19
C LEU C 120 -12.44 -23.63 16.26
N ILE C 121 -11.77 -22.65 16.87
CA ILE C 121 -12.42 -21.64 17.71
C ILE C 121 -11.97 -20.30 17.17
N SER C 122 -12.75 -19.72 16.32
CA SER C 122 -12.38 -18.43 15.76
C SER C 122 -12.83 -17.29 16.68
N PRO C 123 -12.10 -16.17 16.73
CA PRO C 123 -12.51 -15.08 17.62
C PRO C 123 -13.78 -14.36 17.21
N THR C 124 -14.15 -14.38 15.92
CA THR C 124 -15.37 -13.75 15.47
C THR C 124 -16.16 -14.72 14.61
N VAL C 125 -17.48 -14.64 14.71
CA VAL C 125 -18.40 -15.34 13.81
C VAL C 125 -19.41 -14.31 13.32
N ASN C 126 -19.47 -14.15 12.00
CA ASN C 126 -20.30 -13.14 11.33
C ASN C 126 -20.08 -11.74 11.92
N GLU C 127 -18.80 -11.35 11.96
CA GLU C 127 -18.32 -10.05 12.45
C GLU C 127 -18.72 -9.76 13.90
N LYS C 128 -19.09 -10.76 14.68
CA LYS C 128 -19.37 -10.55 16.10
C LYS C 128 -18.43 -11.44 16.90
N GLU C 129 -18.07 -10.99 18.10
CA GLU C 129 -17.14 -11.77 18.89
C GLU C 129 -17.78 -13.09 19.32
N ASN C 130 -17.01 -14.17 19.21
CA ASN C 130 -17.43 -15.53 19.52
C ASN C 130 -17.39 -15.72 21.04
N ASN C 131 -18.37 -15.11 21.70
CA ASN C 131 -18.46 -15.09 23.15
C ASN C 131 -19.92 -14.93 23.49
N PHE C 132 -20.36 -15.50 24.63
CA PHE C 132 -21.77 -15.41 25.03
C PHE C 132 -22.24 -13.98 25.30
N LYS C 133 -21.35 -13.01 25.43
CA LYS C 133 -21.80 -11.63 25.54
C LYS C 133 -22.44 -11.14 24.25
N GLU C 134 -22.21 -11.83 23.13
CA GLU C 134 -22.96 -11.56 21.90
C GLU C 134 -24.14 -12.49 21.71
N GLY C 135 -24.36 -13.40 22.64
CA GLY C 135 -25.56 -14.21 22.65
C GLY C 135 -25.39 -15.59 22.05
N VAL C 136 -24.27 -15.85 21.38
CA VAL C 136 -24.10 -17.10 20.66
C VAL C 136 -22.62 -17.43 20.60
N ILE C 137 -22.29 -18.72 20.77
CA ILE C 137 -20.94 -19.20 20.54
C ILE C 137 -20.98 -20.34 19.53
N GLU C 138 -19.80 -20.63 18.98
CA GLU C 138 -19.66 -21.59 17.89
C GLU C 138 -18.23 -22.15 17.88
N PHE C 139 -18.11 -23.45 17.61
CA PHE C 139 -16.81 -24.07 17.35
C PHE C 139 -17.03 -25.20 16.35
N THR C 140 -15.97 -25.57 15.65
CA THR C 140 -16.05 -26.61 14.65
C THR C 140 -15.04 -27.71 14.96
N LEU C 141 -15.51 -28.93 14.98
CA LEU C 141 -14.72 -30.09 15.35
C LEU C 141 -13.90 -30.57 14.16
N PRO C 142 -12.74 -31.18 14.43
CA PRO C 142 -11.76 -31.48 13.36
C PRO C 142 -12.16 -32.68 12.53
N PRO C 143 -11.41 -32.98 11.46
CA PRO C 143 -11.70 -34.20 10.70
C PRO C 143 -11.41 -35.49 11.45
N VAL C 144 -10.47 -35.49 12.39
CA VAL C 144 -10.08 -36.68 13.15
C VAL C 144 -10.07 -36.33 14.65
N VAL C 145 -10.81 -37.09 15.44
CA VAL C 145 -10.73 -37.02 16.89
C VAL C 145 -10.25 -38.36 17.41
N HIS C 146 -9.14 -38.35 18.15
CA HIS C 146 -8.55 -39.56 18.71
C HIS C 146 -9.00 -39.86 20.13
N LYS C 147 -9.30 -38.84 20.93
CA LYS C 147 -9.61 -38.99 22.35
C LYS C 147 -11.06 -38.60 22.62
N ALA C 148 -11.77 -39.45 23.34
CA ALA C 148 -13.15 -39.18 23.74
C ALA C 148 -13.21 -38.03 24.74
N THR C 149 -14.21 -37.18 24.61
CA THR C 149 -14.38 -36.14 25.61
C THR C 149 -15.85 -35.79 25.77
N VAL C 150 -16.19 -35.32 26.98
CA VAL C 150 -17.52 -34.81 27.30
C VAL C 150 -17.31 -33.50 28.05
N PHE C 151 -18.00 -32.43 27.60
CA PHE C 151 -17.85 -31.13 28.24
C PHE C 151 -19.17 -30.38 28.21
N TYR C 152 -19.24 -29.32 29.02
CA TYR C 152 -20.50 -28.68 29.40
C TYR C 152 -20.42 -27.16 29.30
N PHE C 153 -21.59 -26.57 29.03
CA PHE C 153 -21.86 -25.14 29.15
C PHE C 153 -23.13 -24.98 29.98
N ILE C 154 -23.24 -23.86 30.69
CA ILE C 154 -24.38 -23.56 31.55
C ILE C 154 -24.98 -22.24 31.08
N CYS C 155 -26.31 -22.23 30.86
CA CYS C 155 -27.03 -20.98 30.61
C CYS C 155 -28.19 -20.99 31.60
N ASP C 156 -28.02 -20.30 32.72
CA ASP C 156 -28.90 -20.43 33.88
C ASP C 156 -29.76 -19.18 34.06
N ASN C 157 -31.07 -19.35 33.94
CA ASN C 157 -32.04 -18.29 34.20
C ASN C 157 -32.85 -18.53 35.48
N SER C 158 -32.44 -19.50 36.31
CA SER C 158 -33.24 -19.85 37.48
C SER C 158 -33.31 -18.76 38.54
N LYS C 159 -32.47 -17.73 38.48
CA LYS C 159 -32.61 -16.67 39.46
C LYS C 159 -33.45 -15.51 38.96
N THR C 160 -34.00 -15.60 37.75
CA THR C 160 -34.92 -14.59 37.25
C THR C 160 -36.32 -14.97 37.72
N GLU C 161 -37.01 -14.02 38.34
CA GLU C 161 -38.37 -14.23 38.81
C GLU C 161 -39.32 -13.22 38.18
N ASP C 162 -40.49 -13.69 37.80
CA ASP C 162 -41.50 -12.86 37.16
C ASP C 162 -42.87 -13.44 37.46
N ASP C 163 -43.70 -12.65 38.13
CA ASP C 163 -45.08 -13.00 38.52
C ASP C 163 -45.16 -14.38 39.21
N ASN C 164 -44.37 -14.53 40.29
CA ASN C 164 -44.28 -15.75 41.10
C ASN C 164 -43.85 -16.97 40.29
N LYS C 165 -43.11 -16.76 39.22
CA LYS C 165 -42.53 -17.83 38.42
C LYS C 165 -41.03 -17.66 38.36
N LYS C 166 -40.32 -18.78 38.20
CA LYS C 166 -38.87 -18.75 38.12
C LYS C 166 -38.43 -19.29 36.78
N GLY C 167 -37.32 -18.76 36.28
CA GLY C 167 -36.76 -19.24 35.04
C GLY C 167 -36.10 -20.61 35.23
N ASN C 168 -35.59 -21.17 34.13
CA ASN C 168 -35.01 -22.50 34.12
C ASN C 168 -33.50 -22.44 33.95
N ARG C 169 -32.85 -23.54 34.31
CA ARG C 169 -31.40 -23.69 34.20
C ARG C 169 -31.11 -24.54 32.98
N GLY C 170 -30.34 -24.00 32.04
CA GLY C 170 -30.00 -24.68 30.81
C GLY C 170 -28.62 -25.31 30.90
N ILE C 171 -28.51 -26.54 30.40
CA ILE C 171 -27.27 -27.32 30.34
C ILE C 171 -27.05 -27.75 28.91
N VAL C 172 -25.82 -27.57 28.40
CA VAL C 172 -25.37 -28.24 27.18
C VAL C 172 -24.40 -29.32 27.56
N GLU C 173 -24.62 -30.54 27.09
CA GLU C 173 -23.64 -31.59 27.24
C GLU C 173 -23.19 -32.00 25.84
N VAL C 174 -21.91 -31.78 25.54
CA VAL C 174 -21.35 -32.13 24.24
C VAL C 174 -20.59 -33.43 24.43
N TYR C 175 -21.06 -34.51 23.78
CA TYR C 175 -20.46 -35.84 23.87
C TYR C 175 -19.74 -36.08 22.55
N VAL C 176 -18.41 -36.16 22.58
CA VAL C 176 -17.60 -36.44 21.40
C VAL C 176 -16.97 -37.81 21.54
N GLU C 177 -17.26 -38.63 20.63
CA GLU C 177 -16.76 -40.00 20.51
C GLU C 177 -15.68 -40.01 19.44
N PRO C 178 -14.60 -40.81 19.55
CA PRO C 178 -13.53 -40.70 18.55
C PRO C 178 -14.04 -41.13 17.17
N TYR C 179 -13.51 -40.46 16.15
CA TYR C 179 -13.93 -40.71 14.77
C TYR C 179 -12.77 -40.39 13.85
N GLY C 180 -12.85 -40.94 12.63
CA GLY C 180 -11.91 -40.61 11.58
C GLY C 180 -10.58 -41.34 11.60
N GLY C 181 -10.42 -42.34 12.47
CA GLY C 181 -9.17 -43.09 12.52
C GLY C 181 -8.89 -43.94 11.31
N VAL D 2 -9.52 28.40 -14.04
CA VAL D 2 -8.24 27.90 -14.54
C VAL D 2 -8.28 26.37 -14.69
N GLN D 3 -7.87 25.88 -15.85
CA GLN D 3 -7.84 24.44 -16.12
C GLN D 3 -6.41 24.01 -16.42
N LEU D 4 -6.04 22.81 -15.96
CA LEU D 4 -4.73 22.23 -16.19
C LEU D 4 -4.84 21.13 -17.25
N VAL D 5 -4.06 21.26 -18.32
CA VAL D 5 -4.07 20.34 -19.45
C VAL D 5 -2.68 19.74 -19.60
N GLN D 6 -2.59 18.41 -19.56
CA GLN D 6 -1.32 17.70 -19.54
C GLN D 6 -0.97 17.11 -20.91
N SER D 7 0.31 16.75 -21.06
CA SER D 7 0.80 16.11 -22.28
C SER D 7 0.29 14.66 -22.38
N GLY D 8 0.42 14.10 -23.59
CA GLY D 8 -0.18 12.81 -23.89
C GLY D 8 0.60 11.62 -23.33
N ALA D 9 -0.09 10.48 -23.27
CA ALA D 9 0.53 9.25 -22.79
C ALA D 9 1.61 8.78 -23.74
N GLU D 10 2.64 8.12 -23.19
CA GLU D 10 3.68 7.56 -24.04
C GLU D 10 4.31 6.35 -23.38
N VAL D 11 4.86 5.47 -24.20
CA VAL D 11 5.68 4.38 -23.69
C VAL D 11 7.14 4.81 -23.69
N LYS D 12 7.86 4.47 -22.62
CA LYS D 12 9.26 4.82 -22.49
C LYS D 12 10.05 3.55 -22.19
N LYS D 13 11.24 3.44 -22.77
CA LYS D 13 12.06 2.26 -22.53
C LYS D 13 12.63 2.28 -21.11
N PRO D 14 12.85 1.10 -20.51
CA PRO D 14 13.51 1.04 -19.21
C PRO D 14 14.88 1.72 -19.26
N GLY D 15 15.16 2.53 -18.23
CA GLY D 15 16.39 3.30 -18.17
C GLY D 15 16.34 4.66 -18.83
N SER D 16 15.29 4.97 -19.59
CA SER D 16 15.22 6.23 -20.32
C SER D 16 14.64 7.33 -19.41
N SER D 17 14.37 8.51 -20.00
CA SER D 17 13.81 9.64 -19.28
C SER D 17 12.54 10.11 -19.98
N VAL D 18 11.57 10.60 -19.20
CA VAL D 18 10.31 11.15 -19.70
C VAL D 18 10.14 12.56 -19.15
N LYS D 19 9.54 13.44 -19.96
CA LYS D 19 9.17 14.78 -19.50
C LYS D 19 7.69 15.00 -19.76
N VAL D 20 6.94 15.26 -18.69
CA VAL D 20 5.50 15.47 -18.74
C VAL D 20 5.22 16.94 -18.53
N SER D 21 4.41 17.53 -19.42
CA SER D 21 4.05 18.93 -19.33
C SER D 21 2.68 19.11 -18.71
N CYS D 22 2.43 20.31 -18.19
CA CYS D 22 1.16 20.66 -17.57
C CYS D 22 0.94 22.15 -17.81
N LYS D 23 -0.04 22.50 -18.65
CA LYS D 23 -0.31 23.87 -19.07
C LYS D 23 -1.54 24.42 -18.36
N ALA D 24 -1.41 25.61 -17.78
CA ALA D 24 -2.57 26.28 -17.20
C ALA D 24 -3.19 27.16 -18.28
N SER D 25 -4.48 26.99 -18.51
CA SER D 25 -5.20 27.81 -19.47
C SER D 25 -6.22 28.64 -18.72
N GLY D 26 -6.34 29.91 -19.09
CA GLY D 26 -7.18 30.80 -18.32
C GLY D 26 -6.58 31.20 -16.99
N GLY D 27 -5.31 30.84 -16.75
CA GLY D 27 -4.62 31.17 -15.55
C GLY D 27 -3.12 31.05 -15.73
N THR D 28 -2.42 31.36 -14.64
CA THR D 28 -0.97 31.39 -14.52
C THR D 28 -0.55 30.79 -13.19
N PHE D 29 0.72 30.45 -13.09
CA PHE D 29 1.27 29.84 -11.88
C PHE D 29 1.85 30.89 -10.94
N ASN D 30 1.45 32.16 -11.11
CA ASN D 30 2.06 33.27 -10.39
C ASN D 30 1.79 33.19 -8.89
N SER D 31 0.62 32.69 -8.51
CA SER D 31 0.22 32.63 -7.11
C SER D 31 -0.21 31.24 -6.67
N TYR D 32 0.20 30.20 -7.39
CA TYR D 32 -0.27 28.85 -7.13
C TYR D 32 0.88 27.97 -6.69
N GLY D 33 0.56 27.03 -5.78
CA GLY D 33 1.45 25.95 -5.45
C GLY D 33 1.11 24.73 -6.29
N ILE D 34 2.12 24.17 -6.95
CA ILE D 34 1.94 23.06 -7.90
C ILE D 34 2.37 21.76 -7.24
N SER D 35 1.55 20.72 -7.35
CA SER D 35 1.91 19.39 -6.87
C SER D 35 1.95 18.40 -8.03
N TRP D 36 2.80 17.37 -7.89
CA TRP D 36 2.80 16.25 -8.81
C TRP D 36 2.53 14.96 -8.03
N VAL D 37 1.54 14.20 -8.49
CA VAL D 37 1.01 13.04 -7.78
C VAL D 37 0.85 11.90 -8.78
N ARG D 38 1.33 10.72 -8.43
CA ARG D 38 1.20 9.57 -9.32
C ARG D 38 0.28 8.50 -8.75
N GLN D 39 -0.25 7.67 -9.63
CA GLN D 39 -1.16 6.61 -9.25
C GLN D 39 -0.87 5.40 -10.12
N ALA D 40 -0.22 4.39 -9.55
CA ALA D 40 0.08 3.17 -10.26
C ALA D 40 -1.22 2.39 -10.47
N PRO D 41 -1.27 1.49 -11.47
CA PRO D 41 -2.52 0.75 -11.75
C PRO D 41 -3.05 -0.03 -10.57
N GLY D 42 -4.28 0.33 -10.16
CA GLY D 42 -4.94 -0.27 -9.03
C GLY D 42 -4.54 0.26 -7.68
N GLN D 43 -3.70 1.28 -7.61
CA GLN D 43 -3.11 1.67 -6.33
C GLN D 43 -3.61 3.04 -5.91
N GLY D 44 -3.21 3.43 -4.71
CA GLY D 44 -3.55 4.74 -4.18
C GLY D 44 -2.67 5.83 -4.73
N LEU D 45 -2.93 7.04 -4.25
CA LEU D 45 -2.20 8.20 -4.72
C LEU D 45 -0.88 8.33 -3.97
N GLU D 46 0.14 8.79 -4.68
CA GLU D 46 1.49 8.93 -4.13
C GLU D 46 2.03 10.29 -4.53
N TRP D 47 2.42 11.08 -3.53
CA TRP D 47 2.99 12.40 -3.78
C TRP D 47 4.39 12.24 -4.36
N VAL D 48 4.62 12.80 -5.53
CA VAL D 48 5.95 12.81 -6.11
C VAL D 48 6.74 14.03 -5.63
N GLY D 49 6.12 15.19 -5.64
CA GLY D 49 6.80 16.39 -5.20
C GLY D 49 5.96 17.62 -5.51
N GLY D 50 6.56 18.78 -5.29
CA GLY D 50 5.86 20.03 -5.50
C GLY D 50 6.82 21.16 -5.81
N ILE D 51 6.28 22.21 -6.42
CA ILE D 51 7.05 23.41 -6.70
C ILE D 51 6.13 24.61 -6.54
N ILE D 52 6.62 25.65 -5.86
CA ILE D 52 5.97 26.95 -5.90
C ILE D 52 6.81 27.83 -6.81
N PRO D 53 6.35 28.08 -8.04
CA PRO D 53 7.22 28.78 -9.02
C PRO D 53 7.52 30.22 -8.67
N SER D 54 6.60 30.93 -8.03
CA SER D 54 6.89 32.30 -7.56
C SER D 54 8.02 32.31 -6.55
N PHE D 55 8.03 31.36 -5.62
CA PHE D 55 9.02 31.33 -4.56
C PHE D 55 10.31 30.63 -4.96
N GLY D 56 10.29 29.89 -6.07
CA GLY D 56 11.48 29.17 -6.50
C GLY D 56 11.81 27.93 -5.70
N THR D 57 10.88 27.42 -4.90
CA THR D 57 11.15 26.31 -4.01
C THR D 57 10.55 25.01 -4.56
N ALA D 58 11.26 23.91 -4.33
CA ALA D 58 10.85 22.60 -4.81
C ALA D 58 11.10 21.57 -3.71
N ASP D 59 10.17 20.62 -3.58
CA ASP D 59 10.31 19.50 -2.66
C ASP D 59 10.06 18.22 -3.42
N TYR D 60 10.70 17.13 -2.99
CA TYR D 60 10.61 15.86 -3.67
C TYR D 60 10.52 14.74 -2.64
N ALA D 61 9.77 13.69 -2.97
CA ALA D 61 9.76 12.50 -2.14
C ALA D 61 11.07 11.73 -2.31
N GLN D 62 11.54 11.16 -1.18
CA GLN D 62 12.82 10.45 -1.12
C GLN D 62 12.96 9.36 -2.18
N LYS D 63 11.89 8.60 -2.46
CA LYS D 63 11.91 7.56 -3.50
C LYS D 63 12.35 8.10 -4.87
N PHE D 64 12.16 9.38 -5.12
CA PHE D 64 12.48 10.01 -6.39
C PHE D 64 13.79 10.81 -6.32
N GLN D 65 14.72 10.36 -5.47
CA GLN D 65 15.99 11.05 -5.26
C GLN D 65 16.83 10.99 -6.52
N GLY D 66 17.33 12.16 -6.93
CA GLY D 66 18.23 12.24 -8.07
C GLY D 66 17.61 11.94 -9.41
N ARG D 67 16.30 11.70 -9.49
CA ARG D 67 15.65 11.27 -10.71
C ARG D 67 14.59 12.23 -11.22
N VAL D 68 14.02 13.08 -10.38
CA VAL D 68 12.88 13.91 -10.75
C VAL D 68 13.26 15.38 -10.64
N THR D 69 12.96 16.15 -11.68
CA THR D 69 13.23 17.58 -11.72
C THR D 69 11.99 18.33 -12.19
N PHE D 70 11.57 19.33 -11.41
CA PHE D 70 10.48 20.22 -11.78
C PHE D 70 11.04 21.51 -12.37
N THR D 71 10.50 21.92 -13.50
CA THR D 71 10.81 23.21 -14.11
C THR D 71 9.51 23.92 -14.44
N THR D 72 9.63 25.20 -14.75
CA THR D 72 8.49 25.98 -15.21
C THR D 72 8.98 26.87 -16.35
N ASP D 73 8.11 27.09 -17.33
CA ASP D 73 8.33 28.11 -18.35
C ASP D 73 7.25 29.17 -18.23
N THR D 74 7.65 30.35 -17.76
CA THR D 74 6.70 31.43 -17.49
C THR D 74 6.07 32.00 -18.77
N SER D 75 6.81 31.98 -19.88
CA SER D 75 6.28 32.41 -21.17
C SER D 75 5.05 31.62 -21.59
N THR D 76 5.10 30.30 -21.46
CA THR D 76 4.02 29.44 -21.91
C THR D 76 3.09 28.98 -20.79
N SER D 77 3.32 29.44 -19.55
CA SER D 77 2.51 29.07 -18.37
C SER D 77 2.40 27.55 -18.20
N THR D 78 3.54 26.88 -18.33
CA THR D 78 3.59 25.42 -18.33
C THR D 78 4.55 24.94 -17.25
N ALA D 79 4.12 23.95 -16.49
CA ALA D 79 4.97 23.24 -15.55
C ALA D 79 5.41 21.91 -16.16
N TYR D 80 6.65 21.51 -15.90
CA TYR D 80 7.19 20.27 -16.44
C TYR D 80 7.70 19.39 -15.30
N MET D 81 7.58 18.08 -15.49
CA MET D 81 8.16 17.09 -14.59
C MET D 81 8.98 16.10 -15.41
N GLU D 82 10.27 16.02 -15.13
CA GLU D 82 11.16 15.11 -15.83
C GLU D 82 11.62 14.01 -14.89
N VAL D 83 11.39 12.76 -15.28
CA VAL D 83 11.79 11.59 -14.51
C VAL D 83 12.81 10.81 -15.31
N SER D 84 13.99 10.59 -14.73
CA SER D 84 15.07 9.87 -15.40
C SER D 84 15.21 8.45 -14.85
N SER D 85 16.03 7.66 -15.56
CA SER D 85 16.33 6.25 -15.25
C SER D 85 15.08 5.43 -14.91
N LEU D 86 14.13 5.44 -15.85
CA LEU D 86 12.80 4.92 -15.59
C LEU D 86 12.82 3.42 -15.32
N ARG D 87 12.05 3.00 -14.33
CA ARG D 87 11.93 1.64 -13.89
C ARG D 87 10.53 1.15 -14.25
N SER D 88 10.37 -0.17 -14.27
CA SER D 88 9.07 -0.76 -14.54
C SER D 88 8.02 -0.31 -13.53
N GLU D 89 8.44 -0.16 -12.26
CA GLU D 89 7.59 0.34 -11.18
C GLU D 89 7.18 1.79 -11.33
N ASP D 90 7.81 2.54 -12.23
CA ASP D 90 7.37 3.91 -12.49
C ASP D 90 6.17 3.99 -13.44
N THR D 91 5.70 2.86 -13.98
CA THR D 91 4.48 2.87 -14.78
C THR D 91 3.31 3.31 -13.93
N ALA D 92 2.72 4.46 -14.26
CA ALA D 92 1.69 5.09 -13.42
C ALA D 92 1.04 6.20 -14.22
N VAL D 93 -0.15 6.60 -13.77
CA VAL D 93 -0.74 7.86 -14.19
C VAL D 93 -0.12 8.99 -13.37
N TYR D 94 0.47 9.98 -14.03
CA TYR D 94 1.08 11.13 -13.37
C TYR D 94 0.15 12.34 -13.54
N TYR D 95 -0.27 12.94 -12.41
CA TYR D 95 -1.13 14.13 -12.36
C TYR D 95 -0.34 15.36 -11.94
N CYS D 96 -0.62 16.50 -12.59
CA CYS D 96 -0.29 17.79 -11.98
C CYS D 96 -1.53 18.36 -11.30
N ALA D 97 -1.32 19.06 -10.19
CA ALA D 97 -2.40 19.74 -9.48
C ALA D 97 -1.94 21.10 -8.99
N GLY D 98 -2.91 22.02 -8.88
CA GLY D 98 -2.63 23.35 -8.37
C GLY D 98 -3.51 23.74 -7.21
N SER D 99 -2.95 24.54 -6.30
CA SER D 99 -3.66 25.08 -5.15
C SER D 99 -3.43 26.58 -5.05
N SER D 100 -4.48 27.34 -4.76
CA SER D 100 -4.37 28.76 -4.50
C SER D 100 -3.84 29.00 -3.08
N TRP D 101 -3.40 30.23 -2.82
CA TRP D 101 -2.84 30.59 -1.52
C TRP D 101 -3.95 30.85 -0.50
N SER D 102 -3.71 30.37 0.72
CA SER D 102 -4.60 30.61 1.84
C SER D 102 -3.84 30.34 3.13
N SER D 103 -4.02 31.22 4.12
CA SER D 103 -3.62 31.01 5.52
C SER D 103 -2.14 30.67 5.66
N GLY D 104 -1.28 31.24 4.82
CA GLY D 104 0.15 31.03 4.90
C GLY D 104 0.70 29.81 4.18
N THR D 105 -0.11 29.07 3.45
CA THR D 105 0.37 27.94 2.67
C THR D 105 -0.18 27.98 1.25
N TYR D 106 0.63 27.49 0.32
CA TYR D 106 0.26 27.35 -1.08
C TYR D 106 -0.31 25.98 -1.41
N TYR D 107 -0.61 25.15 -0.42
CA TYR D 107 -1.02 23.78 -0.69
C TYR D 107 -2.28 23.39 0.09
N GLY D 108 -3.04 24.38 0.57
CA GLY D 108 -4.23 24.13 1.37
C GLY D 108 -5.50 23.80 0.61
N ARG D 109 -5.53 24.00 -0.70
CA ARG D 109 -6.78 23.90 -1.44
C ARG D 109 -6.46 23.44 -2.86
N SER D 110 -6.01 22.20 -2.99
CA SER D 110 -5.60 21.66 -4.29
C SER D 110 -6.86 21.20 -5.03
N ALA D 111 -7.53 22.16 -5.66
CA ALA D 111 -8.80 21.93 -6.35
C ALA D 111 -8.66 21.78 -7.85
N TYR D 112 -7.54 22.20 -8.42
CA TYR D 112 -7.34 22.16 -9.87
C TYR D 112 -6.44 21.00 -10.24
N TRP D 113 -6.96 20.04 -11.00
CA TRP D 113 -6.22 18.84 -11.35
C TRP D 113 -6.14 18.69 -12.87
N GLY D 114 -4.95 18.36 -13.36
CA GLY D 114 -4.82 17.91 -14.74
C GLY D 114 -5.49 16.56 -14.94
N GLN D 115 -5.70 16.21 -16.21
CA GLN D 115 -6.39 14.97 -16.54
C GLN D 115 -5.52 13.73 -16.35
N GLY D 116 -4.21 13.90 -16.15
CA GLY D 116 -3.36 12.73 -15.95
C GLY D 116 -2.62 12.32 -17.20
N THR D 117 -1.40 11.83 -17.03
CA THR D 117 -0.59 11.32 -18.13
C THR D 117 -0.11 9.93 -17.77
N LEU D 118 -0.56 8.92 -18.53
CA LEU D 118 -0.11 7.55 -18.28
C LEU D 118 1.26 7.33 -18.92
N VAL D 119 2.27 7.09 -18.09
CA VAL D 119 3.61 6.74 -18.57
C VAL D 119 3.78 5.23 -18.42
N THR D 120 3.96 4.53 -19.53
CA THR D 120 4.18 3.08 -19.50
C THR D 120 5.66 2.83 -19.71
N VAL D 121 6.31 2.12 -18.79
CA VAL D 121 7.72 1.80 -18.93
C VAL D 121 7.82 0.38 -19.48
N SER D 122 8.26 0.25 -20.73
CA SER D 122 8.25 -1.03 -21.43
C SER D 122 9.15 -0.94 -22.66
N SER D 123 9.73 -2.09 -23.02
CA SER D 123 10.51 -2.19 -24.25
C SER D 123 9.64 -2.36 -25.49
N ALA D 124 8.35 -2.62 -25.31
CA ALA D 124 7.47 -2.88 -26.45
C ALA D 124 7.15 -1.60 -27.22
N SER D 125 6.93 -1.76 -28.52
CA SER D 125 6.77 -0.62 -29.42
C SER D 125 5.33 -0.11 -29.42
N THR D 126 5.18 1.16 -29.76
CA THR D 126 3.86 1.78 -29.91
C THR D 126 3.14 1.17 -31.11
N LYS D 127 1.86 0.84 -30.93
CA LYS D 127 1.06 0.30 -32.02
C LYS D 127 -0.35 0.87 -31.95
N GLY D 128 -0.84 1.40 -33.08
CA GLY D 128 -2.18 1.93 -33.15
C GLY D 128 -3.21 0.83 -33.28
N PRO D 129 -4.45 1.11 -32.88
CA PRO D 129 -5.50 0.07 -32.87
C PRO D 129 -6.18 -0.07 -34.21
N SER D 130 -6.79 -1.23 -34.41
CA SER D 130 -7.77 -1.43 -35.48
C SER D 130 -9.15 -1.41 -34.84
N VAL D 131 -10.14 -0.87 -35.55
CA VAL D 131 -11.47 -0.73 -35.00
C VAL D 131 -12.44 -1.56 -35.85
N PHE D 132 -13.24 -2.41 -35.19
CA PHE D 132 -14.21 -3.24 -35.90
C PHE D 132 -15.60 -3.01 -35.34
N PRO D 133 -16.64 -3.01 -36.19
CA PRO D 133 -18.00 -2.80 -35.69
C PRO D 133 -18.54 -4.05 -34.98
N LEU D 134 -19.35 -3.81 -33.96
CA LEU D 134 -20.19 -4.84 -33.33
C LEU D 134 -21.62 -4.52 -33.79
N ALA D 135 -22.06 -5.20 -34.87
CA ALA D 135 -23.27 -4.78 -35.57
C ALA D 135 -24.54 -5.15 -34.81
N PRO D 136 -25.54 -4.27 -34.77
CA PRO D 136 -26.85 -4.67 -34.25
C PRO D 136 -27.53 -5.65 -35.19
N SER D 137 -28.31 -6.56 -34.60
CA SER D 137 -29.00 -7.57 -35.38
C SER D 137 -30.19 -8.05 -34.58
N SER D 138 -30.81 -9.15 -35.00
CA SER D 138 -31.86 -9.77 -34.20
C SER D 138 -31.28 -10.41 -32.94
N LYS D 139 -30.02 -10.86 -32.98
CA LYS D 139 -29.36 -11.43 -31.83
C LYS D 139 -28.79 -10.37 -30.89
N SER D 140 -29.05 -9.10 -31.19
CA SER D 140 -28.69 -7.99 -30.30
C SER D 140 -29.90 -7.12 -30.00
N THR D 141 -31.11 -7.67 -30.07
CA THR D 141 -32.34 -6.94 -29.80
C THR D 141 -33.06 -7.57 -28.61
N SER D 142 -33.41 -6.75 -27.63
CA SER D 142 -34.22 -7.16 -26.49
C SER D 142 -35.33 -6.13 -26.28
N GLY D 143 -36.58 -6.59 -26.35
CA GLY D 143 -37.71 -5.67 -26.32
C GLY D 143 -37.66 -4.70 -27.49
N GLY D 144 -37.73 -3.41 -27.17
CA GLY D 144 -37.54 -2.40 -28.19
C GLY D 144 -36.16 -1.80 -28.14
N THR D 145 -35.21 -2.53 -27.53
CA THR D 145 -33.83 -2.07 -27.33
C THR D 145 -32.85 -2.93 -28.11
N ALA D 146 -31.93 -2.28 -28.84
CA ALA D 146 -30.86 -2.95 -29.54
C ALA D 146 -29.51 -2.53 -28.97
N ALA D 147 -28.53 -3.41 -29.10
CA ALA D 147 -27.17 -3.09 -28.68
C ALA D 147 -26.24 -3.11 -29.88
N LEU D 148 -25.27 -2.21 -29.86
CA LEU D 148 -24.28 -2.11 -30.91
C LEU D 148 -23.01 -1.61 -30.25
N GLY D 149 -21.90 -1.70 -30.97
CA GLY D 149 -20.65 -1.21 -30.41
C GLY D 149 -19.48 -1.24 -31.37
N CYS D 150 -18.30 -0.99 -30.83
CA CYS D 150 -17.03 -1.02 -31.56
C CYS D 150 -16.01 -1.81 -30.76
N LEU D 151 -15.28 -2.69 -31.44
CA LEU D 151 -14.18 -3.43 -30.84
C LEU D 151 -12.88 -2.74 -31.24
N VAL D 152 -12.09 -2.35 -30.25
CA VAL D 152 -10.84 -1.63 -30.47
C VAL D 152 -9.72 -2.60 -30.16
N LYS D 153 -9.08 -3.13 -31.19
CA LYS D 153 -8.21 -4.28 -31.00
C LYS D 153 -6.74 -3.93 -31.25
N ASP D 154 -5.87 -4.50 -30.42
CA ASP D 154 -4.43 -4.64 -30.68
C ASP D 154 -3.69 -3.30 -30.69
N TYR D 155 -3.67 -2.60 -29.56
CA TYR D 155 -2.94 -1.34 -29.46
C TYR D 155 -1.97 -1.39 -28.29
N PHE D 156 -1.00 -0.46 -28.30
CA PHE D 156 0.01 -0.35 -27.25
C PHE D 156 0.65 1.03 -27.35
N PRO D 157 0.90 1.72 -26.23
CA PRO D 157 0.45 1.42 -24.88
C PRO D 157 -1.00 1.87 -24.64
N GLU D 158 -1.45 1.77 -23.40
CA GLU D 158 -2.70 2.40 -23.01
C GLU D 158 -2.50 3.92 -23.02
N PRO D 159 -3.59 4.71 -23.11
CA PRO D 159 -5.02 4.41 -23.25
C PRO D 159 -5.57 4.71 -24.64
N VAL D 160 -6.75 4.17 -24.96
CA VAL D 160 -7.57 4.77 -26.01
C VAL D 160 -8.77 5.40 -25.33
N THR D 161 -9.31 6.41 -25.98
CA THR D 161 -10.59 7.00 -25.59
C THR D 161 -11.60 6.78 -26.70
N VAL D 162 -12.86 6.62 -26.30
CA VAL D 162 -13.97 6.35 -27.22
C VAL D 162 -15.10 7.31 -26.92
N SER D 163 -15.63 7.94 -27.96
CA SER D 163 -16.92 8.61 -27.88
C SER D 163 -17.83 8.03 -28.95
N TRP D 164 -19.11 8.36 -28.83
CA TRP D 164 -20.12 7.99 -29.80
C TRP D 164 -20.75 9.24 -30.37
N ASN D 165 -20.77 9.32 -31.70
CA ASN D 165 -21.37 10.45 -32.41
C ASN D 165 -20.78 11.77 -31.95
N SER D 166 -19.44 11.77 -31.77
CA SER D 166 -18.67 12.93 -31.31
C SER D 166 -19.20 13.50 -29.99
N GLY D 167 -19.61 12.59 -29.08
CA GLY D 167 -20.11 13.02 -27.80
C GLY D 167 -21.59 13.35 -27.76
N ALA D 168 -22.29 13.33 -28.91
CA ALA D 168 -23.73 13.55 -28.87
C ALA D 168 -24.49 12.35 -28.29
N LEU D 169 -23.87 11.18 -28.25
CA LEU D 169 -24.49 9.98 -27.69
C LEU D 169 -23.72 9.58 -26.44
N THR D 170 -24.35 9.69 -25.27
CA THR D 170 -23.70 9.33 -24.01
C THR D 170 -24.55 8.39 -23.17
N SER D 171 -25.86 8.51 -23.28
CA SER D 171 -26.78 7.74 -22.46
C SER D 171 -26.73 6.27 -22.90
N GLY D 172 -26.47 5.36 -21.97
CA GLY D 172 -26.43 3.94 -22.31
C GLY D 172 -25.11 3.45 -22.84
N VAL D 173 -24.09 4.28 -22.91
CA VAL D 173 -22.78 3.87 -23.38
C VAL D 173 -22.05 3.17 -22.24
N HIS D 174 -21.41 2.03 -22.56
CA HIS D 174 -20.43 1.41 -21.66
C HIS D 174 -19.15 1.20 -22.43
N THR D 175 -18.09 1.89 -22.01
CA THR D 175 -16.75 1.66 -22.56
C THR D 175 -15.96 0.86 -21.52
N PHE D 176 -15.63 -0.38 -21.88
CA PHE D 176 -15.05 -1.31 -20.91
C PHE D 176 -13.57 -0.98 -20.66
N PRO D 177 -13.09 -1.27 -19.45
CA PRO D 177 -11.64 -1.24 -19.22
C PRO D 177 -10.95 -2.21 -20.17
N ALA D 178 -9.75 -1.83 -20.63
CA ALA D 178 -9.02 -2.64 -21.58
C ALA D 178 -8.52 -3.93 -20.94
N VAL D 179 -8.33 -4.96 -21.75
CA VAL D 179 -7.68 -6.18 -21.29
C VAL D 179 -6.36 -6.32 -22.02
N LEU D 180 -5.33 -6.73 -21.29
CA LEU D 180 -4.05 -7.09 -21.91
C LEU D 180 -4.18 -8.50 -22.46
N GLN D 181 -4.02 -8.65 -23.77
CA GLN D 181 -4.15 -9.94 -24.43
C GLN D 181 -2.85 -10.74 -24.30
N SER D 182 -2.92 -12.02 -24.67
CA SER D 182 -1.74 -12.87 -24.59
C SER D 182 -0.65 -12.45 -25.58
N SER D 183 -1.01 -11.73 -26.64
CA SER D 183 -0.04 -11.11 -27.55
C SER D 183 0.74 -9.97 -26.91
N GLY D 184 0.29 -9.46 -25.76
CA GLY D 184 0.89 -8.29 -25.15
C GLY D 184 0.36 -6.96 -25.66
N LEU D 185 -0.67 -6.98 -26.49
CA LEU D 185 -1.39 -5.79 -26.94
C LEU D 185 -2.72 -5.68 -26.21
N TYR D 186 -3.20 -4.45 -26.03
CA TYR D 186 -4.48 -4.20 -25.37
C TYR D 186 -5.63 -4.25 -26.36
N SER D 187 -6.81 -4.57 -25.85
CA SER D 187 -8.06 -4.49 -26.58
C SER D 187 -9.15 -4.02 -25.64
N LEU D 188 -10.13 -3.30 -26.18
CA LEU D 188 -11.34 -3.01 -25.43
C LEU D 188 -12.51 -2.98 -26.39
N SER D 189 -13.71 -2.93 -25.80
CA SER D 189 -14.94 -2.68 -26.54
C SER D 189 -15.69 -1.52 -25.91
N SER D 190 -16.45 -0.83 -26.74
CA SER D 190 -17.38 0.20 -26.30
C SER D 190 -18.73 -0.14 -26.87
N VAL D 191 -19.76 -0.21 -26.03
CA VAL D 191 -21.10 -0.60 -26.49
C VAL D 191 -22.10 0.47 -26.08
N VAL D 192 -23.26 0.46 -26.74
CA VAL D 192 -24.37 1.34 -26.38
C VAL D 192 -25.67 0.61 -26.68
N THR D 193 -26.68 0.79 -25.82
CA THR D 193 -28.03 0.30 -26.09
C THR D 193 -28.89 1.45 -26.61
N VAL D 194 -29.61 1.18 -27.70
CA VAL D 194 -30.42 2.19 -28.41
C VAL D 194 -31.79 1.60 -28.69
N PRO D 195 -32.78 2.45 -29.03
CA PRO D 195 -34.06 1.92 -29.52
C PRO D 195 -33.91 1.15 -30.82
N SER D 196 -34.61 0.01 -30.90
CA SER D 196 -34.59 -0.83 -32.10
C SER D 196 -35.17 -0.11 -33.32
N SER D 197 -36.13 0.79 -33.11
CA SER D 197 -36.73 1.56 -34.20
C SER D 197 -35.80 2.63 -34.74
N SER D 198 -34.74 2.97 -34.01
CA SER D 198 -33.78 3.98 -34.43
C SER D 198 -32.76 3.45 -35.43
N LEU D 199 -32.74 2.14 -35.69
CA LEU D 199 -31.60 1.53 -36.37
C LEU D 199 -31.59 1.88 -37.86
N GLY D 200 -32.74 2.17 -38.45
CA GLY D 200 -32.74 2.50 -39.87
C GLY D 200 -32.55 3.98 -40.14
N THR D 201 -32.75 4.82 -39.12
CA THR D 201 -32.80 6.27 -39.31
C THR D 201 -31.70 7.04 -38.59
N GLN D 202 -31.07 6.47 -37.56
CA GLN D 202 -30.02 7.15 -36.81
C GLN D 202 -28.67 6.56 -37.17
N THR D 203 -27.70 7.42 -37.44
CA THR D 203 -26.35 6.99 -37.71
C THR D 203 -25.61 6.85 -36.39
N TYR D 204 -24.88 5.75 -36.21
CA TYR D 204 -24.04 5.54 -35.04
C TYR D 204 -22.58 5.39 -35.46
N ILE D 205 -21.72 6.25 -34.93
CA ILE D 205 -20.29 6.25 -35.24
C ILE D 205 -19.50 6.29 -33.93
N CYS D 206 -18.60 5.32 -33.72
CA CYS D 206 -17.66 5.42 -32.61
C CYS D 206 -16.41 6.16 -33.07
N ASN D 207 -15.93 7.06 -32.22
CA ASN D 207 -14.71 7.84 -32.49
C ASN D 207 -13.62 7.38 -31.54
N VAL D 208 -12.52 6.84 -32.09
CA VAL D 208 -11.49 6.21 -31.29
C VAL D 208 -10.20 7.03 -31.40
N ASN D 209 -9.61 7.39 -30.26
CA ASN D 209 -8.39 8.21 -30.22
C ASN D 209 -7.32 7.43 -29.47
N HIS D 210 -6.17 7.23 -30.12
CA HIS D 210 -5.00 6.62 -29.48
C HIS D 210 -3.86 7.62 -29.64
N LYS D 211 -3.75 8.56 -28.72
CA LYS D 211 -2.68 9.56 -28.78
C LYS D 211 -1.25 9.02 -28.85
N PRO D 212 -0.84 7.90 -28.21
CA PRO D 212 0.56 7.47 -28.36
C PRO D 212 0.97 7.15 -29.78
N SER D 213 0.04 6.73 -30.64
CA SER D 213 0.37 6.52 -32.05
C SER D 213 -0.15 7.64 -32.94
N ASN D 214 -0.76 8.68 -32.36
CA ASN D 214 -1.49 9.73 -33.09
C ASN D 214 -2.51 9.16 -34.06
N THR D 215 -3.23 8.14 -33.62
CA THR D 215 -4.26 7.48 -34.40
C THR D 215 -5.62 8.04 -34.00
N LYS D 216 -6.44 8.38 -34.99
CA LYS D 216 -7.84 8.72 -34.78
C LYS D 216 -8.63 7.98 -35.83
N VAL D 217 -9.65 7.22 -35.39
CA VAL D 217 -10.42 6.35 -36.26
C VAL D 217 -11.89 6.53 -35.92
N ASP D 218 -12.71 6.72 -36.94
CA ASP D 218 -14.16 6.64 -36.85
C ASP D 218 -14.66 5.37 -37.51
N LYS D 219 -15.60 4.68 -36.86
CA LYS D 219 -16.21 3.50 -37.45
C LYS D 219 -17.73 3.66 -37.40
N LYS D 220 -18.35 3.74 -38.56
CA LYS D 220 -19.80 3.69 -38.65
C LYS D 220 -20.29 2.26 -38.40
N VAL D 221 -21.22 2.10 -37.45
CA VAL D 221 -21.73 0.80 -37.06
C VAL D 221 -23.13 0.63 -37.62
N GLU D 222 -23.29 -0.29 -38.56
CA GLU D 222 -24.54 -0.48 -39.29
C GLU D 222 -25.13 -1.85 -39.09
N PRO D 223 -26.46 -1.99 -39.17
CA PRO D 223 -27.05 -3.34 -39.24
C PRO D 223 -26.67 -3.99 -40.55
N LYS D 224 -26.41 -5.29 -40.52
CA LYS D 224 -25.86 -5.99 -41.70
C LYS D 224 -26.93 -6.73 -42.50
N GLU E 1 8.46 11.22 8.23
CA GLU E 1 7.32 11.16 7.32
C GLU E 1 6.05 10.90 8.13
N ILE E 2 4.94 11.49 7.70
CA ILE E 2 3.67 11.23 8.35
C ILE E 2 2.97 10.12 7.58
N VAL E 3 2.61 9.07 8.28
CA VAL E 3 1.90 7.95 7.68
C VAL E 3 0.41 8.20 7.83
N MET E 4 -0.33 8.16 6.72
CA MET E 4 -1.77 8.31 6.71
C MET E 4 -2.40 6.95 6.48
N THR E 5 -3.48 6.66 7.19
CA THR E 5 -4.15 5.38 7.01
C THR E 5 -5.67 5.54 7.11
N GLN E 6 -6.37 4.97 6.14
CA GLN E 6 -7.83 5.00 6.09
C GLN E 6 -8.40 3.63 6.42
N SER E 7 -9.61 3.65 7.00
CA SER E 7 -10.37 2.43 7.22
C SER E 7 -11.85 2.76 7.14
N PRO E 8 -12.69 1.88 6.59
CA PRO E 8 -12.36 0.58 5.98
C PRO E 8 -11.75 0.75 4.59
N ALA E 9 -11.17 -0.32 4.02
CA ALA E 9 -10.66 -0.26 2.66
C ALA E 9 -11.81 -0.21 1.64
N SER E 10 -12.94 -0.82 1.96
CA SER E 10 -14.09 -0.84 1.07
C SER E 10 -15.37 -0.79 1.88
N LEU E 11 -16.40 -0.22 1.28
CA LEU E 11 -17.69 0.00 1.92
C LEU E 11 -18.78 -0.29 0.90
N ALA E 12 -19.77 -1.10 1.28
CA ALA E 12 -20.94 -1.38 0.44
C ALA E 12 -22.19 -1.11 1.28
N LEU E 13 -22.90 -0.04 0.96
CA LEU E 13 -24.03 0.40 1.78
C LEU E 13 -25.25 0.69 0.92
N SER E 14 -26.43 0.62 1.54
CA SER E 14 -27.65 0.88 0.80
C SER E 14 -27.90 2.38 0.62
N LEU E 15 -28.71 2.70 -0.38
CA LEU E 15 -29.12 4.08 -0.65
C LEU E 15 -29.83 4.69 0.56
N GLY E 16 -29.47 5.92 0.89
CA GLY E 16 -30.04 6.59 2.05
C GLY E 16 -29.34 6.34 3.36
N GLU E 17 -28.43 5.37 3.43
CA GLU E 17 -27.70 5.10 4.65
C GLU E 17 -26.55 6.10 4.82
N ARG E 18 -25.84 6.01 5.94
CA ARG E 18 -24.78 6.94 6.27
C ARG E 18 -23.43 6.25 6.14
N ALA E 19 -22.54 6.80 5.32
CA ALA E 19 -21.20 6.27 5.17
C ALA E 19 -20.24 6.99 6.10
N THR E 20 -19.38 6.23 6.77
CA THR E 20 -18.36 6.75 7.66
C THR E 20 -17.01 6.23 7.23
N ILE E 21 -16.10 7.14 6.87
CA ILE E 21 -14.75 6.77 6.43
C ILE E 21 -13.77 7.48 7.35
N ASN E 22 -12.88 6.69 7.97
CA ASN E 22 -11.95 7.22 8.96
C ASN E 22 -10.54 7.37 8.36
N CYS E 23 -9.78 8.32 8.92
CA CYS E 23 -8.42 8.61 8.46
C CYS E 23 -7.61 8.98 9.68
N LYS E 24 -6.46 8.32 9.84
CA LYS E 24 -5.58 8.56 10.97
C LYS E 24 -4.19 8.92 10.48
N SER E 25 -3.60 9.95 11.09
CA SER E 25 -2.22 10.33 10.86
C SER E 25 -1.35 9.86 12.02
N SER E 26 -0.10 9.53 11.70
CA SER E 26 0.83 9.06 12.72
C SER E 26 1.41 10.18 13.57
N GLN E 27 1.28 11.43 13.14
CA GLN E 27 1.58 12.61 13.95
C GLN E 27 0.44 13.60 13.81
N SER E 28 0.37 14.57 14.73
CA SER E 28 -0.69 15.57 14.67
C SER E 28 -0.50 16.48 13.47
N VAL E 29 -1.60 16.82 12.81
CA VAL E 29 -1.56 17.80 11.74
C VAL E 29 -2.29 19.09 12.14
N LEU E 30 -2.44 19.31 13.45
CA LEU E 30 -3.05 20.52 14.00
C LEU E 30 -1.97 21.53 14.35
N TYR E 31 -1.96 22.68 13.67
CA TYR E 31 -1.06 23.78 13.95
C TYR E 31 -1.65 24.65 15.06
N SER E 32 -0.95 24.77 16.19
CA SER E 32 -1.53 25.51 17.31
C SER E 32 -1.59 27.00 17.06
N SER E 33 -0.83 27.53 16.10
CA SER E 33 -0.84 28.97 15.89
C SER E 33 -2.04 29.45 15.08
N ASN E 34 -2.72 28.57 14.34
CA ASN E 34 -3.98 28.95 13.72
C ASN E 34 -5.14 28.00 14.03
N ASN E 35 -4.91 26.98 14.86
CA ASN E 35 -5.92 25.98 15.26
C ASN E 35 -6.52 25.26 14.05
N LYS E 36 -5.75 25.08 12.99
CA LYS E 36 -6.22 24.46 11.77
C LYS E 36 -5.56 23.10 11.60
N ASN E 37 -6.35 22.11 11.16
CA ASN E 37 -5.84 20.79 10.78
C ASN E 37 -5.55 20.77 9.29
N TYR E 38 -4.33 20.36 8.94
CA TYR E 38 -3.87 20.44 7.55
C TYR E 38 -4.18 19.10 6.86
N LEU E 39 -5.48 18.90 6.61
CA LEU E 39 -6.06 17.62 6.22
C LEU E 39 -7.07 17.85 5.11
N ALA E 40 -6.97 17.09 4.02
CA ALA E 40 -7.91 17.21 2.91
C ALA E 40 -8.51 15.85 2.56
N TRP E 41 -9.73 15.87 2.03
CA TRP E 41 -10.41 14.69 1.50
C TRP E 41 -10.73 14.88 0.02
N TYR E 42 -10.53 13.83 -0.78
CA TYR E 42 -10.77 13.84 -2.20
C TYR E 42 -11.74 12.74 -2.60
N GLN E 43 -12.49 12.97 -3.68
CA GLN E 43 -13.35 11.98 -4.30
C GLN E 43 -12.82 11.69 -5.71
N GLN E 44 -12.67 10.40 -6.05
CA GLN E 44 -12.16 10.00 -7.37
C GLN E 44 -13.10 8.99 -8.02
N LYS E 45 -13.76 9.41 -9.07
CA LYS E 45 -14.61 8.57 -9.91
C LYS E 45 -13.77 7.97 -11.03
N PRO E 46 -14.19 6.84 -11.61
CA PRO E 46 -13.29 6.12 -12.54
C PRO E 46 -12.95 6.91 -13.80
N GLY E 47 -11.68 6.79 -14.22
CA GLY E 47 -11.14 7.50 -15.35
C GLY E 47 -10.83 8.96 -15.13
N GLN E 48 -11.12 9.48 -13.95
CA GLN E 48 -11.11 10.91 -13.64
C GLN E 48 -10.03 11.25 -12.64
N PRO E 49 -9.53 12.49 -12.64
CA PRO E 49 -8.65 12.93 -11.55
C PRO E 49 -9.38 12.99 -10.23
N PRO E 50 -8.65 13.00 -9.12
CA PRO E 50 -9.27 13.28 -7.82
C PRO E 50 -9.92 14.66 -7.83
N LYS E 51 -11.00 14.78 -7.07
CA LYS E 51 -11.75 16.02 -6.92
C LYS E 51 -11.72 16.39 -5.45
N LEU E 52 -11.32 17.63 -5.15
CA LEU E 52 -11.24 18.08 -3.77
C LEU E 52 -12.63 18.25 -3.19
N LEU E 53 -12.89 17.58 -2.05
CA LEU E 53 -14.17 17.64 -1.35
C LEU E 53 -14.11 18.51 -0.11
N ILE E 54 -13.16 18.22 0.78
CA ILE E 54 -13.01 18.86 2.08
C ILE E 54 -11.54 19.32 2.19
N TYR E 55 -11.34 20.51 2.73
CA TYR E 55 -9.99 20.93 3.09
C TYR E 55 -10.07 21.60 4.45
N TRP E 56 -8.91 21.74 5.10
CA TRP E 56 -8.81 22.13 6.52
C TRP E 56 -9.65 21.22 7.42
N ALA E 57 -9.72 19.93 7.05
CA ALA E 57 -10.47 18.84 7.70
C ALA E 57 -11.99 18.98 7.70
N SER E 58 -12.54 20.20 7.62
CA SER E 58 -13.97 20.37 7.77
C SER E 58 -14.59 21.41 6.83
N THR E 59 -13.81 22.06 5.97
CA THR E 59 -14.38 23.07 5.08
C THR E 59 -14.72 22.42 3.74
N ARG E 60 -15.99 22.55 3.33
CA ARG E 60 -16.43 21.95 2.08
C ARG E 60 -15.99 22.82 0.90
N GLU E 61 -15.49 22.15 -0.14
CA GLU E 61 -15.20 22.82 -1.40
C GLU E 61 -16.51 23.32 -2.02
N SER E 62 -16.38 24.36 -2.84
CA SER E 62 -17.52 24.92 -3.56
C SER E 62 -18.18 23.87 -4.43
N GLY E 63 -19.48 23.67 -4.24
CA GLY E 63 -20.25 22.70 -4.98
C GLY E 63 -20.54 21.41 -4.23
N VAL E 64 -19.84 21.15 -3.15
CA VAL E 64 -20.05 19.92 -2.38
C VAL E 64 -21.31 20.08 -1.52
N PRO E 65 -22.25 19.13 -1.59
CA PRO E 65 -23.49 19.24 -0.79
C PRO E 65 -23.23 19.04 0.70
N ASP E 66 -24.26 19.37 1.49
CA ASP E 66 -24.19 19.35 2.95
C ASP E 66 -24.09 17.95 3.51
N ARG E 67 -24.54 16.95 2.75
CA ARG E 67 -24.45 15.56 3.19
C ARG E 67 -23.01 15.08 3.29
N PHE E 68 -22.07 15.72 2.59
CA PHE E 68 -20.65 15.42 2.78
C PHE E 68 -20.13 16.28 3.92
N SER E 69 -19.54 15.64 4.95
CA SER E 69 -19.14 16.35 6.17
C SER E 69 -17.81 15.81 6.69
N GLY E 70 -16.84 16.70 6.89
CA GLY E 70 -15.56 16.33 7.49
C GLY E 70 -15.49 16.76 8.95
N SER E 71 -14.91 15.89 9.79
CA SER E 71 -14.80 16.15 11.22
C SER E 71 -13.51 15.54 11.76
N GLY E 72 -13.22 15.84 13.02
CA GLY E 72 -12.05 15.33 13.69
C GLY E 72 -10.97 16.39 13.87
N SER E 73 -9.95 16.03 14.65
CA SER E 73 -8.87 16.95 14.99
C SER E 73 -7.64 16.16 15.43
N GLY E 74 -6.47 16.73 15.17
CA GLY E 74 -5.22 16.16 15.65
C GLY E 74 -4.71 15.02 14.79
N THR E 75 -4.98 13.79 15.21
CA THR E 75 -4.61 12.61 14.46
C THR E 75 -5.78 11.78 13.95
N ASP E 76 -7.02 12.05 14.36
CA ASP E 76 -8.16 11.22 13.99
C ASP E 76 -9.17 12.05 13.22
N PHE E 77 -9.53 11.60 12.01
CA PHE E 77 -10.41 12.34 11.12
C PHE E 77 -11.43 11.40 10.50
N THR E 78 -12.58 11.97 10.13
CA THR E 78 -13.71 11.20 9.61
C THR E 78 -14.38 11.98 8.50
N LEU E 79 -14.62 11.31 7.37
CA LEU E 79 -15.51 11.80 6.32
C LEU E 79 -16.85 11.10 6.46
N THR E 80 -17.92 11.88 6.57
CA THR E 80 -19.27 11.37 6.72
C THR E 80 -20.08 11.75 5.48
N ILE E 81 -20.66 10.75 4.83
CA ILE E 81 -21.65 10.97 3.77
C ILE E 81 -23.00 10.48 4.28
N SER E 82 -23.88 11.40 4.61
CA SER E 82 -25.25 11.09 4.98
C SER E 82 -26.12 10.94 3.74
N SER E 83 -27.14 10.07 3.85
CA SER E 83 -28.17 9.85 2.83
C SER E 83 -27.53 9.56 1.47
N LEU E 84 -26.89 8.39 1.42
CA LEU E 84 -26.12 7.98 0.27
C LEU E 84 -26.97 8.00 -1.00
N GLN E 85 -26.43 8.60 -2.05
CA GLN E 85 -27.06 8.60 -3.36
C GLN E 85 -26.23 7.73 -4.29
N ALA E 86 -26.83 7.34 -5.42
CA ALA E 86 -26.15 6.41 -6.33
C ALA E 86 -24.91 7.05 -6.96
N GLY E 87 -24.92 8.36 -7.12
CA GLY E 87 -23.79 9.08 -7.65
C GLY E 87 -22.60 9.22 -6.72
N ASP E 88 -22.71 8.72 -5.49
CA ASP E 88 -21.61 8.86 -4.54
C ASP E 88 -20.58 7.75 -4.67
N VAL E 89 -20.78 6.78 -5.58
CA VAL E 89 -19.83 5.69 -5.74
C VAL E 89 -18.52 6.23 -6.30
N ALA E 90 -17.41 5.91 -5.63
CA ALA E 90 -16.13 6.54 -5.88
C ALA E 90 -15.11 5.89 -4.94
N VAL E 91 -13.84 6.21 -5.16
CA VAL E 91 -12.80 6.00 -4.17
C VAL E 91 -12.54 7.33 -3.49
N TYR E 92 -12.51 7.31 -2.16
CA TYR E 92 -12.30 8.50 -1.34
C TYR E 92 -10.90 8.43 -0.73
N HIS E 93 -10.16 9.54 -0.82
CA HIS E 93 -8.77 9.63 -0.39
C HIS E 93 -8.57 10.76 0.63
N CYS E 94 -7.82 10.48 1.70
CA CYS E 94 -7.37 11.56 2.57
C CYS E 94 -5.90 11.90 2.27
N GLN E 95 -5.53 13.15 2.60
CA GLN E 95 -4.18 13.66 2.40
C GLN E 95 -3.84 14.63 3.52
N GLN E 96 -2.61 14.59 4.03
CA GLN E 96 -2.09 15.66 4.86
C GLN E 96 -1.21 16.59 4.03
N TYR E 97 -1.33 17.88 4.29
CA TYR E 97 -0.45 18.88 3.69
C TYR E 97 0.21 19.70 4.80
N TYR E 98 0.42 19.04 5.93
CA TYR E 98 1.04 19.68 7.09
C TYR E 98 2.53 19.89 6.88
N SER E 99 3.24 18.87 6.38
CA SER E 99 4.67 18.99 6.19
C SER E 99 5.12 18.05 5.08
N THR E 100 6.14 18.47 4.35
CA THR E 100 6.68 17.64 3.29
C THR E 100 7.51 16.50 3.89
N PRO E 101 7.43 15.28 3.32
CA PRO E 101 6.62 14.85 2.17
C PRO E 101 5.11 14.74 2.44
N TYR E 102 4.31 15.39 1.60
CA TYR E 102 2.88 15.26 1.70
C TYR E 102 2.52 13.81 1.40
N SER E 103 1.45 13.33 2.03
CA SER E 103 1.19 11.91 1.94
C SER E 103 -0.30 11.68 1.95
N PHE E 104 -0.71 10.59 1.31
CA PHE E 104 -2.10 10.21 1.17
C PHE E 104 -2.38 8.95 1.95
N GLY E 105 -3.63 8.79 2.33
CA GLY E 105 -4.15 7.48 2.70
C GLY E 105 -4.23 6.55 1.49
N GLN E 106 -4.61 5.31 1.77
CA GLN E 106 -4.61 4.31 0.70
C GLN E 106 -5.91 4.31 -0.10
N GLY E 107 -6.89 5.11 0.29
CA GLY E 107 -8.13 5.11 -0.48
C GLY E 107 -9.17 4.17 0.11
N THR E 108 -10.45 4.56 -0.02
CA THR E 108 -11.57 3.76 0.43
C THR E 108 -12.57 3.66 -0.72
N LYS E 109 -12.84 2.45 -1.18
CA LYS E 109 -13.79 2.24 -2.27
C LYS E 109 -15.22 2.17 -1.72
N LEU E 110 -16.11 3.05 -2.21
CA LEU E 110 -17.49 3.09 -1.76
C LEU E 110 -18.42 2.62 -2.88
N GLU E 111 -19.25 1.63 -2.60
CA GLU E 111 -20.21 1.11 -3.58
C GLU E 111 -21.59 1.02 -2.94
N ILE E 112 -22.61 0.98 -3.80
CA ILE E 112 -24.00 0.88 -3.36
C ILE E 112 -24.40 -0.59 -3.32
N LYS E 113 -24.93 -1.04 -2.20
CA LYS E 113 -25.56 -2.35 -2.10
C LYS E 113 -27.02 -2.17 -2.52
N ARG E 114 -27.36 -2.63 -3.72
CA ARG E 114 -28.75 -2.55 -4.15
C ARG E 114 -29.58 -3.54 -3.35
N ARG E 115 -30.82 -3.14 -3.03
CA ARG E 115 -31.74 -4.01 -2.30
C ARG E 115 -32.17 -5.20 -3.15
N THR E 116 -32.39 -4.97 -4.44
CA THR E 116 -32.92 -5.98 -5.35
C THR E 116 -31.93 -6.24 -6.47
N VAL E 117 -31.97 -7.45 -7.00
CA VAL E 117 -31.08 -7.79 -8.09
C VAL E 117 -31.62 -7.20 -9.39
N ALA E 118 -30.74 -7.11 -10.39
CA ALA E 118 -31.08 -6.72 -11.74
C ALA E 118 -30.49 -7.74 -12.68
N ALA E 119 -31.34 -8.32 -13.55
CA ALA E 119 -30.88 -9.29 -14.54
C ALA E 119 -30.17 -8.59 -15.70
N PRO E 120 -29.11 -9.20 -16.26
CA PRO E 120 -28.50 -8.61 -17.46
C PRO E 120 -29.39 -8.81 -18.65
N SER E 121 -29.39 -7.84 -19.55
CA SER E 121 -29.81 -8.16 -20.91
C SER E 121 -28.56 -8.63 -21.64
N VAL E 122 -28.70 -9.68 -22.43
CA VAL E 122 -27.55 -10.39 -23.00
C VAL E 122 -27.60 -10.26 -24.52
N PHE E 123 -26.45 -9.89 -25.12
CA PHE E 123 -26.31 -9.72 -26.57
C PHE E 123 -25.05 -10.43 -27.02
N ILE E 124 -25.08 -11.03 -28.22
CA ILE E 124 -23.91 -11.67 -28.78
C ILE E 124 -23.62 -11.03 -30.13
N PHE E 125 -22.33 -10.81 -30.44
CA PHE E 125 -21.88 -10.17 -31.67
C PHE E 125 -20.93 -11.08 -32.44
N PRO E 126 -21.25 -11.42 -33.69
CA PRO E 126 -20.31 -12.18 -34.53
C PRO E 126 -19.11 -11.33 -34.90
N PRO E 127 -17.98 -11.93 -35.31
CA PRO E 127 -16.88 -11.14 -35.86
C PRO E 127 -17.30 -10.47 -37.14
N SER E 128 -16.83 -9.25 -37.34
CA SER E 128 -17.11 -8.56 -38.59
C SER E 128 -16.36 -9.21 -39.75
N ASP E 129 -16.87 -9.01 -40.96
CA ASP E 129 -16.15 -9.47 -42.15
C ASP E 129 -14.80 -8.78 -42.32
N GLU E 130 -14.69 -7.53 -41.88
CA GLU E 130 -13.42 -6.83 -42.04
C GLU E 130 -12.33 -7.46 -41.17
N GLN E 131 -12.68 -7.86 -39.95
CA GLN E 131 -11.69 -8.53 -39.09
C GLN E 131 -11.30 -9.91 -39.62
N LEU E 132 -12.28 -10.67 -40.16
CA LEU E 132 -11.99 -11.99 -40.70
C LEU E 132 -10.98 -11.96 -41.84
N LYS E 133 -10.93 -10.86 -42.61
CA LYS E 133 -9.93 -10.71 -43.66
C LYS E 133 -8.52 -10.62 -43.12
N SER E 134 -8.35 -10.28 -41.85
CA SER E 134 -7.04 -10.19 -41.22
C SER E 134 -6.58 -11.48 -40.55
N GLY E 135 -7.38 -12.54 -40.60
CA GLY E 135 -6.99 -13.82 -40.07
C GLY E 135 -7.45 -14.15 -38.65
N THR E 136 -8.22 -13.28 -38.00
CA THR E 136 -8.61 -13.45 -36.61
C THR E 136 -10.10 -13.21 -36.49
N ALA E 137 -10.77 -13.96 -35.63
CA ALA E 137 -12.17 -13.78 -35.31
C ALA E 137 -12.34 -13.50 -33.83
N SER E 138 -12.91 -12.35 -33.49
CA SER E 138 -13.34 -12.06 -32.13
C SER E 138 -14.85 -12.13 -32.04
N VAL E 139 -15.36 -12.90 -31.08
CA VAL E 139 -16.79 -13.01 -30.79
C VAL E 139 -17.04 -12.37 -29.43
N VAL E 140 -18.05 -11.51 -29.34
CA VAL E 140 -18.28 -10.71 -28.14
C VAL E 140 -19.65 -11.01 -27.56
N CYS E 141 -19.69 -11.29 -26.27
CA CYS E 141 -20.92 -11.46 -25.50
C CYS E 141 -21.04 -10.33 -24.49
N LEU E 142 -22.17 -9.64 -24.51
CA LEU E 142 -22.39 -8.45 -23.67
C LEU E 142 -23.47 -8.73 -22.65
N LEU E 143 -23.18 -8.46 -21.39
CA LEU E 143 -24.13 -8.51 -20.28
C LEU E 143 -24.32 -7.07 -19.81
N ASN E 144 -25.54 -6.55 -19.97
CA ASN E 144 -25.81 -5.12 -19.80
C ASN E 144 -26.58 -4.88 -18.51
N ASN E 145 -25.98 -4.09 -17.60
CA ASN E 145 -26.67 -3.46 -16.47
C ASN E 145 -27.28 -4.49 -15.50
N PHE E 146 -26.40 -5.22 -14.82
CA PHE E 146 -26.84 -6.25 -13.89
C PHE E 146 -26.33 -6.00 -12.48
N TYR E 147 -26.99 -6.66 -11.51
CA TYR E 147 -26.57 -6.60 -10.11
C TYR E 147 -27.05 -7.89 -9.45
N PRO E 148 -26.21 -8.57 -8.63
CA PRO E 148 -24.84 -8.26 -8.19
C PRO E 148 -23.78 -8.48 -9.26
N ARG E 149 -22.53 -8.15 -8.91
CA ARG E 149 -21.43 -8.17 -9.89
C ARG E 149 -21.10 -9.58 -10.34
N GLU E 150 -21.31 -10.58 -9.49
CA GLU E 150 -20.95 -11.97 -9.80
C GLU E 150 -21.83 -12.52 -10.91
N ALA E 151 -21.21 -13.11 -11.92
CA ALA E 151 -21.89 -13.66 -13.08
C ALA E 151 -20.98 -14.72 -13.70
N LYS E 152 -21.60 -15.75 -14.28
CA LYS E 152 -20.85 -16.81 -14.97
C LYS E 152 -21.21 -16.78 -16.46
N VAL E 153 -20.18 -16.66 -17.30
CA VAL E 153 -20.35 -16.57 -18.76
C VAL E 153 -19.52 -17.68 -19.36
N GLN E 154 -20.16 -18.64 -20.01
CA GLN E 154 -19.46 -19.75 -20.63
C GLN E 154 -19.70 -19.73 -22.13
N TRP E 155 -18.63 -19.93 -22.90
CA TRP E 155 -18.73 -20.00 -24.35
C TRP E 155 -18.85 -21.46 -24.78
N LYS E 156 -19.71 -21.70 -25.77
CA LYS E 156 -19.85 -23.02 -26.35
C LYS E 156 -19.78 -22.86 -27.86
N VAL E 157 -18.95 -23.68 -28.51
CA VAL E 157 -18.79 -23.65 -29.96
C VAL E 157 -19.19 -25.03 -30.47
N ASP E 158 -20.28 -25.09 -31.22
CA ASP E 158 -20.92 -26.35 -31.62
C ASP E 158 -21.14 -27.25 -30.41
N ASN E 159 -21.62 -26.61 -29.33
CA ASN E 159 -21.89 -27.18 -28.00
C ASN E 159 -20.64 -27.73 -27.32
N ALA E 160 -19.43 -27.31 -27.71
CA ALA E 160 -18.21 -27.68 -27.01
C ALA E 160 -17.81 -26.52 -26.10
N LEU E 161 -17.64 -26.81 -24.81
CA LEU E 161 -17.33 -25.76 -23.85
C LEU E 161 -15.90 -25.29 -24.05
N GLN E 162 -15.72 -23.97 -24.14
CA GLN E 162 -14.43 -23.36 -24.40
C GLN E 162 -13.72 -23.01 -23.08
N SER E 163 -12.39 -23.12 -23.11
CA SER E 163 -11.57 -22.76 -21.97
C SER E 163 -10.26 -22.21 -22.50
N GLY E 164 -9.73 -21.17 -21.86
CA GLY E 164 -8.43 -20.65 -22.20
C GLY E 164 -8.37 -19.70 -23.39
N ASN E 165 -9.49 -19.43 -24.08
CA ASN E 165 -9.47 -18.55 -25.25
C ASN E 165 -10.45 -17.39 -25.11
N SER E 166 -10.82 -16.99 -23.90
CA SER E 166 -11.73 -15.88 -23.72
C SER E 166 -11.23 -14.98 -22.58
N GLN E 167 -11.57 -13.69 -22.67
CA GLN E 167 -11.24 -12.73 -21.63
C GLN E 167 -12.45 -11.87 -21.32
N GLU E 168 -12.62 -11.54 -20.04
CA GLU E 168 -13.73 -10.72 -19.57
C GLU E 168 -13.24 -9.36 -19.11
N SER E 169 -14.14 -8.37 -19.19
CA SER E 169 -13.91 -7.04 -18.62
C SER E 169 -15.21 -6.55 -18.01
N VAL E 170 -15.13 -5.83 -16.89
CA VAL E 170 -16.30 -5.44 -16.11
C VAL E 170 -16.20 -3.96 -15.82
N THR E 171 -17.29 -3.22 -16.03
CA THR E 171 -17.31 -1.80 -15.70
C THR E 171 -17.38 -1.61 -14.18
N GLU E 172 -17.02 -0.40 -13.74
CA GLU E 172 -17.32 -0.01 -12.38
C GLU E 172 -18.83 0.27 -12.23
N GLN E 173 -19.25 0.43 -10.98
CA GLN E 173 -20.68 0.54 -10.71
C GLN E 173 -21.29 1.82 -11.29
N ASP E 174 -22.45 1.66 -11.92
CA ASP E 174 -23.08 2.77 -12.62
C ASP E 174 -23.60 3.80 -11.63
N SER E 175 -23.38 5.07 -11.95
CA SER E 175 -23.68 6.13 -11.02
C SER E 175 -25.17 6.45 -10.96
N LYS E 176 -25.98 5.86 -11.83
CA LYS E 176 -27.42 6.08 -11.83
C LYS E 176 -28.21 4.88 -11.29
N ASP E 177 -28.04 3.68 -11.86
CA ASP E 177 -28.83 2.54 -11.42
C ASP E 177 -28.03 1.54 -10.58
N SER E 178 -26.77 1.84 -10.26
CA SER E 178 -25.88 1.05 -9.41
C SER E 178 -25.69 -0.38 -9.92
N THR E 179 -25.75 -0.58 -11.24
CA THR E 179 -25.48 -1.88 -11.86
C THR E 179 -24.07 -1.93 -12.43
N TYR E 180 -23.71 -3.11 -12.95
CA TYR E 180 -22.44 -3.36 -13.62
C TYR E 180 -22.75 -3.86 -15.02
N SER E 181 -21.79 -3.72 -15.94
CA SER E 181 -21.89 -4.37 -17.24
C SER E 181 -20.62 -5.18 -17.50
N LEU E 182 -20.73 -6.17 -18.37
CA LEU E 182 -19.63 -7.11 -18.57
C LEU E 182 -19.55 -7.50 -20.03
N SER E 183 -18.33 -7.61 -20.55
CA SER E 183 -18.09 -8.20 -21.86
C SER E 183 -17.22 -9.44 -21.70
N SER E 184 -17.49 -10.46 -22.51
CA SER E 184 -16.61 -11.61 -22.68
C SER E 184 -16.27 -11.74 -24.16
N THR E 185 -14.99 -11.85 -24.45
CA THR E 185 -14.51 -11.88 -25.84
C THR E 185 -13.80 -13.20 -26.07
N LEU E 186 -14.33 -13.99 -27.00
CA LEU E 186 -13.74 -15.24 -27.48
C LEU E 186 -12.88 -14.98 -28.73
N THR E 187 -11.62 -15.41 -28.72
CA THR E 187 -10.73 -15.15 -29.85
C THR E 187 -10.31 -16.46 -30.50
N LEU E 188 -10.54 -16.56 -31.81
CA LEU E 188 -10.14 -17.73 -32.59
C LEU E 188 -9.43 -17.26 -33.84
N SER E 189 -8.63 -18.15 -34.43
CA SER E 189 -8.15 -17.90 -35.79
C SER E 189 -9.33 -17.95 -36.76
N LYS E 190 -9.17 -17.28 -37.90
CA LYS E 190 -10.19 -17.36 -38.95
C LYS E 190 -10.39 -18.81 -39.40
N ALA E 191 -9.29 -19.58 -39.50
CA ALA E 191 -9.39 -20.98 -39.91
C ALA E 191 -10.19 -21.82 -38.91
N ASP E 192 -9.99 -21.60 -37.61
CA ASP E 192 -10.77 -22.33 -36.61
C ASP E 192 -12.21 -21.84 -36.59
N TYR E 193 -12.41 -20.53 -36.74
CA TYR E 193 -13.76 -19.96 -36.73
C TYR E 193 -14.62 -20.53 -37.84
N GLU E 194 -14.04 -20.75 -39.00
CA GLU E 194 -14.77 -21.23 -40.17
C GLU E 194 -14.97 -22.74 -40.17
N LYS E 195 -14.47 -23.45 -39.17
CA LYS E 195 -14.71 -24.88 -39.06
C LYS E 195 -15.97 -25.20 -38.27
N HIS E 196 -16.63 -24.20 -37.69
CA HIS E 196 -17.72 -24.43 -36.77
C HIS E 196 -18.93 -23.58 -37.14
N LYS E 197 -20.10 -23.99 -36.64
CA LYS E 197 -21.36 -23.35 -37.01
C LYS E 197 -21.98 -22.54 -35.87
N VAL E 198 -22.23 -23.16 -34.72
CA VAL E 198 -23.00 -22.54 -33.64
C VAL E 198 -22.03 -21.92 -32.63
N TYR E 199 -22.20 -20.61 -32.39
CA TYR E 199 -21.43 -19.84 -31.40
C TYR E 199 -22.43 -19.36 -30.35
N ALA E 200 -22.20 -19.73 -29.08
CA ALA E 200 -23.19 -19.47 -28.03
C ALA E 200 -22.48 -19.01 -26.76
N CYS E 201 -23.05 -18.02 -26.09
CA CYS E 201 -22.62 -17.71 -24.73
C CYS E 201 -23.80 -17.97 -23.79
N GLU E 202 -23.50 -18.69 -22.72
CA GLU E 202 -24.47 -19.05 -21.70
C GLU E 202 -24.17 -18.26 -20.44
N VAL E 203 -25.18 -17.59 -19.90
CA VAL E 203 -25.04 -16.63 -18.80
C VAL E 203 -25.82 -17.14 -17.59
N THR E 204 -25.13 -17.27 -16.45
CA THR E 204 -25.75 -17.59 -15.18
C THR E 204 -25.60 -16.38 -14.28
N HIS E 205 -26.72 -15.94 -13.69
CA HIS E 205 -26.77 -14.75 -12.86
C HIS E 205 -28.03 -14.82 -11.99
N GLN E 206 -27.94 -14.24 -10.79
CA GLN E 206 -29.01 -14.31 -9.80
C GLN E 206 -30.31 -13.66 -10.28
N GLY E 207 -30.21 -12.66 -11.13
CA GLY E 207 -31.43 -12.04 -11.66
C GLY E 207 -32.19 -12.89 -12.66
N LEU E 208 -31.56 -13.93 -13.22
CA LEU E 208 -32.21 -14.80 -14.19
C LEU E 208 -32.72 -16.05 -13.49
N SER E 209 -33.92 -16.51 -13.88
CA SER E 209 -34.51 -17.67 -13.23
C SER E 209 -33.72 -18.93 -13.52
N SER E 210 -33.10 -19.02 -14.69
CA SER E 210 -32.29 -20.16 -15.09
C SER E 210 -31.29 -19.63 -16.09
N PRO E 211 -30.23 -20.38 -16.42
CA PRO E 211 -29.22 -19.85 -17.35
C PRO E 211 -29.80 -19.52 -18.72
N VAL E 212 -29.27 -18.45 -19.31
CA VAL E 212 -29.77 -17.89 -20.58
C VAL E 212 -28.68 -18.08 -21.64
N THR E 213 -29.06 -18.56 -22.83
CA THR E 213 -28.13 -18.72 -23.94
C THR E 213 -28.48 -17.74 -25.06
N LYS E 214 -27.50 -16.99 -25.53
CA LYS E 214 -27.62 -16.23 -26.78
C LYS E 214 -26.64 -16.81 -27.79
N SER E 215 -27.09 -17.00 -29.03
CA SER E 215 -26.26 -17.69 -30.01
C SER E 215 -26.50 -17.17 -31.43
N PHE E 216 -25.56 -17.48 -32.33
CA PHE E 216 -25.76 -17.31 -33.77
C PHE E 216 -25.15 -18.49 -34.52
N ASN E 217 -25.62 -18.68 -35.75
CA ASN E 217 -25.00 -19.62 -36.69
C ASN E 217 -24.15 -18.83 -37.67
N ARG E 218 -22.89 -19.26 -37.81
CA ARG E 218 -21.94 -18.57 -38.68
C ARG E 218 -22.42 -18.58 -40.12
N GLY E 219 -22.45 -17.39 -40.74
CA GLY E 219 -22.92 -17.25 -42.09
C GLY E 219 -24.40 -16.95 -42.24
N GLU E 220 -25.21 -17.16 -41.19
CA GLU E 220 -26.62 -16.83 -41.25
C GLU E 220 -26.92 -15.44 -40.71
N ILE F 9 -9.01 34.64 18.41
CA ILE F 9 -8.32 35.93 18.54
C ILE F 9 -8.94 36.63 19.78
N ASP F 10 -8.22 37.53 20.43
CA ASP F 10 -8.82 38.26 21.55
C ASP F 10 -8.72 39.76 21.26
N LEU F 11 -9.87 40.37 20.95
CA LEU F 11 -9.91 41.79 20.63
C LEU F 11 -9.85 42.65 21.88
N SER F 12 -10.10 42.03 23.04
CA SER F 12 -9.88 42.67 24.33
C SER F 12 -8.41 42.86 24.63
N TYR F 13 -7.54 42.00 24.08
CA TYR F 13 -6.13 42.03 24.45
C TYR F 13 -5.47 43.29 23.89
N GLU F 14 -4.77 44.00 24.76
CA GLU F 14 -3.97 45.15 24.37
C GLU F 14 -2.76 45.23 25.29
N THR F 15 -1.64 45.68 24.71
CA THR F 15 -0.45 46.05 25.47
C THR F 15 0.20 47.23 24.77
N THR F 16 1.40 47.59 25.23
CA THR F 16 2.17 48.68 24.69
C THR F 16 3.57 48.18 24.39
N GLU F 17 4.33 49.02 23.66
CA GLU F 17 5.70 48.68 23.32
C GLU F 17 6.57 48.58 24.57
N SER F 18 6.43 49.56 25.47
CA SER F 18 7.24 49.62 26.66
C SER F 18 6.72 48.72 27.78
N GLY F 19 5.41 48.46 27.80
CA GLY F 19 4.83 47.62 28.85
C GLY F 19 4.97 48.23 30.23
N ASP F 20 5.49 47.43 31.17
CA ASP F 20 5.69 47.86 32.55
C ASP F 20 7.14 48.24 32.86
N THR F 21 7.98 48.41 31.84
CA THR F 21 9.40 48.67 32.09
C THR F 21 9.65 50.12 32.54
N ALA F 22 8.69 51.02 32.32
CA ALA F 22 8.81 52.46 32.59
C ALA F 22 9.96 53.10 31.80
N VAL F 23 10.22 52.58 30.60
CA VAL F 23 11.25 53.09 29.71
C VAL F 23 10.57 53.79 28.54
N SER F 24 10.99 55.02 28.25
CA SER F 24 10.46 55.77 27.14
C SER F 24 11.19 55.43 25.84
N GLU F 25 10.62 55.92 24.73
CA GLU F 25 11.16 55.60 23.40
C GLU F 25 12.54 56.20 23.16
N ASP F 26 12.82 57.35 23.79
CA ASP F 26 14.15 57.95 23.75
C ASP F 26 15.19 57.05 24.40
N SER F 27 14.78 56.29 25.42
CA SER F 27 15.70 55.52 26.26
C SER F 27 15.83 54.04 25.91
N TYR F 28 15.17 53.53 24.87
CA TYR F 28 15.48 52.14 24.55
C TYR F 28 16.51 52.01 23.45
N ASP F 29 17.21 50.87 23.44
CA ASP F 29 18.29 50.59 22.49
C ASP F 29 17.73 49.98 21.21
N LYS F 30 17.78 50.75 20.12
CA LYS F 30 17.32 50.30 18.81
C LYS F 30 18.51 49.73 18.06
N TYR F 31 18.29 48.64 17.34
CA TYR F 31 19.36 48.05 16.54
C TYR F 31 18.74 47.28 15.37
N ALA F 32 19.59 47.01 14.37
CA ALA F 32 19.16 46.31 13.16
C ALA F 32 19.27 44.80 13.34
N SER F 33 18.46 44.07 12.57
CA SER F 33 18.51 42.61 12.57
C SER F 33 19.77 42.11 11.86
N GLN F 34 20.11 40.85 12.13
CA GLN F 34 21.25 40.19 11.51
C GLN F 34 20.82 39.58 10.17
N ASN F 35 21.32 40.14 9.07
CA ASN F 35 20.87 39.80 7.72
C ASN F 35 21.95 38.99 7.02
N THR F 36 21.64 37.73 6.74
CA THR F 36 22.51 36.84 5.95
C THR F 36 21.74 36.40 4.73
N ASN F 37 22.17 36.87 3.55
CA ASN F 37 21.52 36.62 2.26
C ASN F 37 20.10 37.15 2.33
N LYS F 38 19.08 36.34 2.07
CA LYS F 38 17.69 36.76 2.16
C LYS F 38 17.03 36.29 3.45
N GLU F 39 17.83 36.01 4.48
CA GLU F 39 17.38 35.66 5.83
C GLU F 39 17.75 36.79 6.81
N TYR F 40 16.75 37.34 7.49
CA TYR F 40 16.95 38.45 8.42
C TYR F 40 16.53 37.96 9.80
N VAL F 41 17.44 38.05 10.78
CA VAL F 41 17.30 37.34 12.06
C VAL F 41 17.29 38.33 13.23
N CYS F 42 16.32 38.17 14.15
CA CYS F 42 16.35 38.79 15.47
C CYS F 42 16.54 37.70 16.53
N ASP F 43 17.69 37.69 17.18
CA ASP F 43 18.05 36.68 18.18
C ASP F 43 18.08 37.33 19.56
N PHE F 44 17.27 36.80 20.47
CA PHE F 44 17.19 37.33 21.83
C PHE F 44 17.89 36.44 22.85
N THR F 45 18.66 35.43 22.41
CA THR F 45 19.23 34.45 23.34
C THR F 45 20.25 35.08 24.27
N ASP F 46 20.90 36.17 23.86
CA ASP F 46 21.89 36.85 24.68
C ASP F 46 21.52 38.32 24.94
N GLN F 47 20.25 38.67 24.75
CA GLN F 47 19.85 40.06 24.84
C GLN F 47 18.92 40.39 26.00
N LEU F 48 18.36 39.39 26.69
CA LEU F 48 17.29 39.64 27.66
C LEU F 48 17.59 39.12 29.07
N LYS F 49 18.83 38.70 29.34
CA LYS F 49 19.19 38.13 30.64
C LYS F 49 19.14 39.20 31.74
N PRO F 50 18.95 38.77 33.00
CA PRO F 50 18.91 39.73 34.12
C PRO F 50 20.20 40.53 34.27
N THR F 51 20.05 41.86 34.29
CA THR F 51 21.15 42.80 34.38
C THR F 51 20.84 43.87 35.42
N GLU F 52 21.88 44.53 35.92
CA GLU F 52 21.73 45.50 37.00
C GLU F 52 20.95 46.74 36.54
N SER F 53 21.13 47.14 35.29
CA SER F 53 20.36 48.25 34.72
C SER F 53 18.97 47.82 34.26
N GLY F 54 18.63 46.54 34.39
CA GLY F 54 17.35 46.00 33.97
C GLY F 54 16.23 46.48 34.86
N PRO F 55 15.00 46.59 34.31
CA PRO F 55 14.64 46.22 32.96
C PRO F 55 14.91 47.29 31.90
N LYS F 56 15.69 46.91 30.89
CA LYS F 56 15.86 47.67 29.67
C LYS F 56 15.00 47.09 28.55
N VAL F 57 14.82 47.90 27.51
CA VAL F 57 14.07 47.51 26.33
C VAL F 57 15.04 47.32 25.17
N LYS F 58 15.01 46.13 24.58
CA LYS F 58 15.79 45.77 23.39
C LYS F 58 14.86 45.72 22.18
N LYS F 59 15.05 46.64 21.24
CA LYS F 59 14.17 46.74 20.07
C LYS F 59 14.95 46.38 18.81
N CYS F 60 14.53 45.30 18.15
CA CYS F 60 15.16 44.79 16.93
C CYS F 60 14.36 45.23 15.70
N GLU F 61 15.02 45.94 14.77
CA GLU F 61 14.36 46.51 13.59
C GLU F 61 14.67 45.69 12.34
N VAL F 62 13.64 45.10 11.75
CA VAL F 62 13.72 44.41 10.46
C VAL F 62 13.08 45.32 9.41
N LYS F 63 13.86 45.74 8.43
CA LYS F 63 13.36 46.56 7.34
C LYS F 63 13.66 45.87 6.02
N VAL F 64 12.65 45.73 5.17
CA VAL F 64 12.73 44.91 3.97
C VAL F 64 12.08 45.65 2.81
N ASN F 65 12.79 45.66 1.68
CA ASN F 65 12.24 46.08 0.39
C ASN F 65 12.81 45.22 -0.74
N GLU F 66 13.07 43.94 -0.45
CA GLU F 66 13.63 42.92 -1.30
C GLU F 66 12.66 41.74 -1.37
N PRO F 67 12.66 40.99 -2.48
CA PRO F 67 11.76 39.85 -2.57
C PRO F 67 12.21 38.68 -1.72
N LEU F 68 11.22 37.89 -1.27
CA LEU F 68 11.43 36.55 -0.73
C LEU F 68 12.31 36.54 0.53
N ILE F 69 12.15 37.53 1.38
CA ILE F 69 12.95 37.61 2.60
C ILE F 69 12.35 36.71 3.66
N LYS F 70 13.18 35.82 4.21
CA LYS F 70 12.81 35.05 5.39
C LYS F 70 13.18 35.79 6.66
N VAL F 71 12.21 35.97 7.55
CA VAL F 71 12.42 36.60 8.85
C VAL F 71 12.40 35.50 9.91
N LYS F 72 13.38 35.52 10.81
CA LYS F 72 13.48 34.51 11.86
C LYS F 72 13.64 35.21 13.20
N ILE F 73 12.87 34.80 14.20
CA ILE F 73 12.89 35.43 15.53
C ILE F 73 13.10 34.34 16.57
N ILE F 74 14.14 34.49 17.38
CA ILE F 74 14.51 33.52 18.40
C ILE F 74 14.27 34.13 19.79
N CYS F 75 13.41 33.48 20.58
CA CYS F 75 13.10 33.94 21.93
C CYS F 75 13.38 32.80 22.90
N PRO F 76 14.21 33.01 23.93
CA PRO F 76 14.62 31.91 24.80
C PRO F 76 13.47 31.40 25.65
N LEU F 77 13.40 30.08 25.79
CA LEU F 77 12.32 29.43 26.52
C LEU F 77 12.55 29.53 28.02
N LYS F 78 11.44 29.47 28.76
CA LYS F 78 11.49 29.35 30.21
C LYS F 78 12.15 28.04 30.59
N GLY F 79 13.14 28.10 31.48
CA GLY F 79 13.85 26.89 31.86
C GLY F 79 14.85 26.38 30.85
N SER F 80 15.08 27.09 29.74
CA SER F 80 16.16 26.72 28.84
C SER F 80 17.52 26.98 29.47
N VAL F 81 17.60 28.03 30.30
CA VAL F 81 18.70 28.24 31.24
C VAL F 81 18.06 28.33 32.62
N GLU F 82 18.67 27.67 33.61
CA GLU F 82 18.18 27.71 34.98
C GLU F 82 18.16 29.14 35.52
N LYS F 83 17.03 29.49 36.14
CA LYS F 83 16.74 30.75 36.84
C LYS F 83 16.54 31.95 35.92
N LEU F 84 17.27 32.03 34.80
CA LEU F 84 17.40 33.32 34.13
C LEU F 84 16.17 33.71 33.32
N TYR F 85 15.31 32.76 33.00
CA TYR F 85 14.12 33.03 32.20
C TYR F 85 12.85 32.50 32.87
N ASP F 86 12.84 32.47 34.20
CA ASP F 86 11.76 31.82 34.95
C ASP F 86 10.40 32.50 34.77
N ASN F 87 10.38 33.79 34.43
CA ASN F 87 9.14 34.54 34.23
C ASN F 87 9.04 35.15 32.84
N ILE F 88 9.63 34.48 31.83
CA ILE F 88 9.56 34.96 30.45
C ILE F 88 8.15 34.77 29.90
N GLU F 89 7.71 35.71 29.07
CA GLU F 89 6.45 35.61 28.36
C GLU F 89 6.67 36.07 26.93
N TYR F 90 6.03 35.36 25.99
CA TYR F 90 6.00 35.78 24.59
C TYR F 90 4.59 36.14 24.15
N VAL F 91 4.49 37.17 23.33
CA VAL F 91 3.23 37.74 22.83
C VAL F 91 3.38 38.01 21.33
N PRO F 92 2.40 37.64 20.47
CA PRO F 92 1.23 36.80 20.74
C PRO F 92 1.63 35.36 20.97
N LYS F 93 0.83 34.61 21.72
CA LYS F 93 1.11 33.20 21.91
C LYS F 93 1.01 32.44 20.60
N LYS F 94 0.16 32.88 19.68
CA LYS F 94 -0.02 32.26 18.37
C LYS F 94 0.83 32.91 17.27
N SER F 95 1.99 33.46 17.63
CA SER F 95 2.93 33.96 16.63
C SER F 95 3.48 32.80 15.80
N PRO F 96 3.82 33.04 14.53
CA PRO F 96 3.75 34.26 13.74
C PRO F 96 2.43 34.44 12.97
N TYR F 97 1.48 33.52 13.17
CA TYR F 97 0.19 33.66 12.52
C TYR F 97 -0.57 34.86 13.08
N VAL F 98 -0.42 35.11 14.37
CA VAL F 98 -0.98 36.29 15.02
C VAL F 98 0.18 37.23 15.33
N VAL F 99 0.04 38.50 14.93
CA VAL F 99 1.03 39.53 15.18
C VAL F 99 0.33 40.69 15.90
N LEU F 100 1.13 41.66 16.35
CA LEU F 100 0.62 42.86 16.99
C LEU F 100 0.84 44.06 16.09
N THR F 101 -0.19 44.90 15.94
CA THR F 101 -0.05 46.16 15.22
C THR F 101 -0.45 47.33 16.12
N LYS F 102 -0.09 48.49 15.61
CA LYS F 102 -0.15 49.77 16.29
C LYS F 102 -1.45 50.49 15.91
N GLU F 103 -2.21 50.94 16.91
CA GLU F 103 -3.44 51.67 16.64
C GLU F 103 -3.37 53.08 17.21
N GLU F 104 -3.64 53.22 18.50
CA GLU F 104 -3.53 54.51 19.19
C GLU F 104 -2.71 54.29 20.45
N THR F 105 -1.37 54.26 20.28
CA THR F 105 -0.33 54.03 21.30
C THR F 105 -0.31 52.56 21.75
N LYS F 106 -1.37 51.80 21.45
CA LYS F 106 -1.52 50.44 21.96
C LYS F 106 -1.15 49.43 20.88
N LEU F 107 -0.81 48.22 21.33
CA LEU F 107 -0.56 47.09 20.44
C LEU F 107 -1.68 46.07 20.63
N LYS F 108 -2.35 45.69 19.54
CA LYS F 108 -3.43 44.71 19.60
C LYS F 108 -3.26 43.67 18.50
N GLU F 109 -3.92 42.52 18.70
CA GLU F 109 -3.69 41.34 17.87
C GLU F 109 -4.30 41.47 16.48
N LYS F 110 -3.58 41.00 15.47
CA LYS F 110 -4.03 40.92 14.08
C LYS F 110 -3.45 39.66 13.45
N LEU F 111 -4.08 39.20 12.36
CA LEU F 111 -3.54 38.07 11.60
C LEU F 111 -2.58 38.57 10.54
N LEU F 112 -1.38 37.97 10.51
CA LEU F 112 -0.37 38.33 9.52
C LEU F 112 -0.80 38.00 8.10
N SER F 113 -1.48 36.86 7.91
CA SER F 113 -1.99 36.49 6.59
C SER F 113 -3.03 37.50 6.09
N LYS F 114 -3.75 38.16 7.02
CA LYS F 114 -4.67 39.21 6.61
C LYS F 114 -3.91 40.47 6.22
N LEU F 115 -2.71 40.67 6.76
CA LEU F 115 -1.95 41.88 6.48
C LEU F 115 -1.22 41.79 5.14
N ILE F 116 -0.56 40.66 4.87
CA ILE F 116 0.30 40.50 3.71
C ILE F 116 -0.17 39.27 2.94
N TYR F 117 -0.74 39.51 1.76
CA TYR F 117 -1.22 38.43 0.91
C TYR F 117 -0.06 37.64 0.32
N GLY F 118 -0.18 36.31 0.37
CA GLY F 118 0.72 35.43 -0.33
C GLY F 118 1.98 35.03 0.42
N LEU F 119 2.10 35.34 1.71
CA LEU F 119 3.33 35.01 2.40
C LEU F 119 3.30 33.57 2.93
N LEU F 120 4.48 33.04 3.21
CA LEU F 120 4.64 31.69 3.73
C LEU F 120 4.70 31.70 5.26
N ILE F 121 3.77 30.98 5.88
CA ILE F 121 3.87 30.61 7.29
C ILE F 121 3.61 29.11 7.33
N SER F 122 4.68 28.32 7.32
CA SER F 122 4.50 26.89 7.36
C SER F 122 4.26 26.46 8.81
N PRO F 123 3.50 25.38 9.02
CA PRO F 123 3.25 24.94 10.40
C PRO F 123 4.46 24.34 11.09
N THR F 124 5.44 23.83 10.35
CA THR F 124 6.66 23.30 10.95
C THR F 124 7.89 23.86 10.27
N VAL F 125 8.94 24.03 11.06
CA VAL F 125 10.27 24.35 10.56
C VAL F 125 11.23 23.34 11.19
N ASN F 126 11.88 22.54 10.34
CA ASN F 126 12.82 21.49 10.72
C ASN F 126 12.27 20.54 11.79
N GLU F 127 11.12 19.95 11.46
CA GLU F 127 10.39 18.94 12.24
C GLU F 127 9.96 19.41 13.63
N LYS F 128 9.98 20.71 13.92
CA LYS F 128 9.35 21.26 15.12
C LYS F 128 8.35 22.34 14.72
N GLU F 129 7.34 22.51 15.56
CA GLU F 129 6.25 23.45 15.26
C GLU F 129 6.74 24.89 15.20
N ASN F 130 6.23 25.62 14.21
CA ASN F 130 6.59 27.02 13.97
C ASN F 130 5.81 27.91 14.95
N ASN F 131 6.28 27.89 16.20
CA ASN F 131 5.62 28.57 17.31
C ASN F 131 6.66 28.89 18.36
N PHE F 132 6.43 29.97 19.12
CA PHE F 132 7.38 30.38 20.15
C PHE F 132 7.50 29.37 21.29
N LYS F 133 6.59 28.39 21.43
CA LYS F 133 6.79 27.36 22.44
C LYS F 133 7.97 26.44 22.12
N GLU F 134 8.44 26.44 20.88
CA GLU F 134 9.67 25.74 20.52
C GLU F 134 10.89 26.64 20.44
N GLY F 135 10.74 27.94 20.71
CA GLY F 135 11.88 28.84 20.83
C GLY F 135 12.16 29.69 19.61
N VAL F 136 11.52 29.43 18.48
CA VAL F 136 11.85 30.13 17.24
C VAL F 136 10.61 30.18 16.36
N ILE F 137 10.40 31.32 15.70
CA ILE F 137 9.38 31.43 14.67
C ILE F 137 10.01 31.96 13.39
N GLU F 138 9.28 31.79 12.29
CA GLU F 138 9.83 32.03 10.97
C GLU F 138 8.71 32.27 9.97
N PHE F 139 8.90 33.23 9.08
CA PHE F 139 8.00 33.42 7.96
C PHE F 139 8.80 33.99 6.78
N THR F 140 8.27 33.80 5.58
CA THR F 140 8.91 34.27 4.36
C THR F 140 7.92 35.14 3.59
N LEU F 141 8.37 36.36 3.21
CA LEU F 141 7.55 37.40 2.60
C LEU F 141 7.42 37.21 1.08
N PRO F 142 6.29 37.63 0.50
CA PRO F 142 5.94 37.25 -0.90
C PRO F 142 6.76 38.01 -1.93
N PRO F 143 6.65 37.66 -3.23
CA PRO F 143 7.34 38.45 -4.26
C PRO F 143 6.83 39.86 -4.45
N VAL F 144 5.55 40.13 -4.19
CA VAL F 144 4.94 41.44 -4.42
C VAL F 144 4.24 41.89 -3.14
N VAL F 145 4.66 43.04 -2.62
CA VAL F 145 3.95 43.73 -1.56
C VAL F 145 3.52 45.10 -2.10
N HIS F 146 2.27 45.48 -1.86
CA HIS F 146 1.75 46.72 -2.40
C HIS F 146 1.40 47.77 -1.36
N LYS F 147 1.45 47.44 -0.07
CA LYS F 147 1.17 48.39 0.99
C LYS F 147 2.32 48.41 1.98
N ALA F 148 2.56 49.59 2.56
CA ALA F 148 3.44 49.66 3.70
C ALA F 148 2.73 49.08 4.91
N THR F 149 3.43 48.22 5.67
CA THR F 149 2.84 47.61 6.85
C THR F 149 3.92 47.43 7.91
N VAL F 150 3.50 47.56 9.17
CA VAL F 150 4.38 47.43 10.33
C VAL F 150 3.71 46.52 11.33
N PHE F 151 4.44 45.53 11.84
CA PHE F 151 3.89 44.64 12.84
C PHE F 151 4.97 44.25 13.84
N TYR F 152 4.54 43.73 14.99
CA TYR F 152 5.37 43.64 16.16
C TYR F 152 5.27 42.28 16.83
N PHE F 153 6.36 41.88 17.50
CA PHE F 153 6.40 40.74 18.40
C PHE F 153 7.08 41.18 19.69
N ILE F 154 6.68 40.58 20.81
CA ILE F 154 7.24 40.90 22.11
C ILE F 154 7.72 39.61 22.78
N CYS F 155 8.96 39.62 23.27
CA CYS F 155 9.55 38.55 24.07
C CYS F 155 10.06 39.21 25.35
N ASP F 156 9.31 39.04 26.45
CA ASP F 156 9.47 39.85 27.66
C ASP F 156 10.07 39.02 28.80
N ASN F 157 11.23 39.43 29.29
CA ASN F 157 11.84 38.81 30.46
C ASN F 157 11.91 39.76 31.65
N SER F 158 11.25 40.92 31.59
CA SER F 158 11.35 41.95 32.62
C SER F 158 10.76 41.54 33.97
N LYS F 159 9.99 40.46 34.04
CA LYS F 159 9.41 40.00 35.29
C LYS F 159 10.23 38.90 35.97
N THR F 160 11.38 38.54 35.42
CA THR F 160 12.21 37.49 35.99
C THR F 160 13.19 38.06 37.01
N GLU F 161 13.32 37.35 38.15
CA GLU F 161 14.14 37.72 39.30
C GLU F 161 15.38 36.84 39.38
N ASP F 162 16.56 37.44 39.58
CA ASP F 162 17.75 36.65 39.92
C ASP F 162 18.70 37.54 40.71
N ASP F 163 18.77 37.29 42.02
CA ASP F 163 19.59 38.02 42.99
C ASP F 163 19.56 39.52 42.77
N ASN F 164 18.36 40.10 42.87
CA ASN F 164 18.12 41.53 42.78
C ASN F 164 18.46 42.12 41.40
N LYS F 165 18.39 41.31 40.34
CA LYS F 165 18.46 41.80 38.97
C LYS F 165 17.23 41.36 38.19
N LYS F 166 16.87 42.16 37.19
CA LYS F 166 15.67 41.95 36.39
C LYS F 166 16.03 41.84 34.91
N GLY F 167 15.28 41.00 34.20
CA GLY F 167 15.48 40.80 32.79
C GLY F 167 14.99 41.96 31.96
N ASN F 168 15.17 41.82 30.65
CA ASN F 168 14.86 42.86 29.68
C ASN F 168 13.65 42.49 28.83
N ARG F 169 13.05 43.50 28.20
CA ARG F 169 11.89 43.35 27.33
C ARG F 169 12.33 43.50 25.88
N GLY F 170 12.08 42.46 25.08
CA GLY F 170 12.47 42.44 23.68
C GLY F 170 11.32 42.75 22.73
N ILE F 171 11.61 43.58 21.72
CA ILE F 171 10.66 43.95 20.69
C ILE F 171 11.27 43.67 19.33
N VAL F 172 10.51 43.03 18.44
CA VAL F 172 10.79 43.02 17.02
C VAL F 172 9.80 43.95 16.34
N GLU F 173 10.30 44.87 15.52
CA GLU F 173 9.44 45.67 14.65
C GLU F 173 9.81 45.37 13.21
N VAL F 174 8.85 44.84 12.45
CA VAL F 174 9.06 44.48 11.06
C VAL F 174 8.43 45.55 10.18
N TYR F 175 9.27 46.25 9.41
CA TYR F 175 8.85 47.29 8.48
C TYR F 175 8.97 46.79 7.04
N VAL F 176 7.83 46.60 6.39
CA VAL F 176 7.78 46.23 4.98
C VAL F 176 7.09 47.37 4.23
N GLU F 177 7.78 47.93 3.24
CA GLU F 177 7.25 48.92 2.31
C GLU F 177 7.19 48.31 0.90
N PRO F 178 6.28 48.78 0.03
CA PRO F 178 5.99 48.05 -1.21
C PRO F 178 7.15 47.85 -2.19
N TYR F 179 7.10 46.70 -2.88
CA TYR F 179 8.07 46.33 -3.90
C TYR F 179 7.39 45.38 -4.88
N GLY F 180 7.97 45.26 -6.07
CA GLY F 180 7.51 44.29 -7.05
C GLY F 180 6.33 44.77 -7.89
NA NA G . -22.73 -35.37 34.13
#